data_4E3S
#
_entry.id   4E3S
#
_cell.length_a   78.166
_cell.length_b   118.509
_cell.length_c   130.667
_cell.angle_alpha   90.00
_cell.angle_beta   90.00
_cell.angle_gamma   90.00
#
_symmetry.space_group_name_H-M   'P 21 21 21'
#
loop_
_entity.id
_entity.type
_entity.pdbx_description
1 polymer 'DNA polymerase'
2 polymer 'DNA template'
3 polymer 'DNA primer'
4 non-polymer 3-{2-deoxy-5-O-[(R)-hydroxy{[(R)-hydroxy(phosphonooxy)phosphoryl]oxy}phosphoryl]-beta-D-erythro-pentofuranosyl}-7-methyl-3H-imidazo[4,5-b]pyridine
5 non-polymer 'CALCIUM ION'
6 water water
#
loop_
_entity_poly.entity_id
_entity_poly.type
_entity_poly.pdbx_seq_one_letter_code
_entity_poly.pdbx_strand_id
1 'polypeptide(L)'
;MKEFYLTVEQIGDSIFERYIDSNGRERTREVEYKPSLFAHCPESQATKYFDIYGKPCTRKLFANMRDASQWIKRMEDIGL
EALGMDDFKLAYLSDTYNYEIKYDHTKIRVANFDIEVTSPDGFPEPSQAKHPIDAITHYDSIDDRFYVFDLLNSPYGNVE
EWSIEIAAKLQEQGGDEVPSEIIDKIIYMPFDNEKELLMEYLNFWQQKTPVILTGWNVESFAIPYVYNRIKNIFGESTAK
RLSPHRKTRVKVIENMYGSREIITLFGISVLDYIDLYKKFSFTNQPSYSLDYISEFELNVGKLKYDGPISKLRESNHQRY
ISYNIIAVYRVLQIDAKRQFINLSLDMGYYAKIQIQSVFSPIKTWDAIIFNSLKEQNKVIPQGRSHPVQPYPGAFVKEPI
PNRYKYVMSFDLTSLYPSIIRQVNISPETIAGTFKVAPLHDYINAVAERPSDVYSCSPNGMMYYKDRDGVVPTEITKVFN
QRKEHKGYMLAAQRNGEIIKEALHNPNLSVDEPLDVDYRFDFSDEIKEKIKKLSAKSLNEMLFRAQRTEVAGMTAQINRK
ALINGLAGALGNVWFRYYDLRNATAITTFGQMALQWIERKVNEYLNEVCGTEGEAFVLYGDTDSIYVSADKIIDKVGESK
FRDTNHWVDFLDKFARERMEPAIDRGFREMCEYMNNKQHLMFMDREAIAGPPLGSKGIGGFWTGKKRYALNVWDMEGTRY
AEPKLKIMGLETQKSSTPKAVQKALKECIRRMLQEGEESLQEYFKEFEKEFRQLNYISIASVSSANNIAKYDVGGFPGPK
CPFHIRGILTYNRAIKGNIDAPQVVEGEKVYVLPLREGNPFGDKCIAWPSGTEITDLIKDDVLHWMDYTVLLEKTFIKPL
EGFTSAAKLDYEKKASLFDMFDF
;
A
2 'polydeoxyribonucleotide' (DC)(DA)(DT)(DG)(DT)(DA)(DA)(DG)(DC)(DA)(DG)(DT)(DC)(DC)(DG)(DC)(DG) T
3 'polydeoxyribonucleotide' (DG)(DC)(DG)(DG)(DA)(DC)(DT)(DG)(DC)(DT)(DT)(DA)(DOC) P
#
loop_
_chem_comp.id
_chem_comp.type
_chem_comp.name
_chem_comp.formula
CA non-polymer 'CALCIUM ION' 'Ca 2'
DA DNA linking 2'-DEOXYADENOSINE-5'-MONOPHOSPHATE 'C10 H14 N5 O6 P'
DC DNA linking 2'-DEOXYCYTIDINE-5'-MONOPHOSPHATE 'C9 H14 N3 O7 P'
DG DNA linking 2'-DEOXYGUANOSINE-5'-MONOPHOSPHATE 'C10 H14 N5 O7 P'
DOC DNA linking 2',3'-DIDEOXYCYTIDINE-5'-MONOPHOSPHATE 'C9 H14 N3 O6 P'
DT DNA linking THYMIDINE-5'-MONOPHOSPHATE 'C10 H15 N2 O8 P'
QTP non-polymer 3-{2-deoxy-5-O-[(R)-hydroxy{[(R)-hydroxy(phosphonooxy)phosphoryl]oxy}phosphoryl]-beta-D-erythro-pentofuranosyl}-7-methyl-3H-imidazo[4,5-b]pyridine 'C12 H18 N3 O12 P3'
#
# COMPACT_ATOMS: atom_id res chain seq x y z
N MET A 1 6.82 -1.16 -34.84
CA MET A 1 7.03 -1.33 -33.37
C MET A 1 7.00 -2.82 -33.04
N LYS A 2 7.63 -3.21 -31.93
CA LYS A 2 7.53 -4.59 -31.47
C LYS A 2 6.11 -4.86 -30.95
N GLU A 3 5.62 -6.08 -31.15
CA GLU A 3 4.29 -6.45 -30.73
C GLU A 3 4.25 -6.71 -29.23
N PHE A 4 3.08 -6.55 -28.65
CA PHE A 4 2.90 -6.83 -27.23
C PHE A 4 1.45 -7.19 -26.97
N TYR A 5 1.24 -8.12 -26.04
CA TYR A 5 -0.10 -8.57 -25.67
C TYR A 5 -0.89 -7.51 -24.91
N LEU A 6 -2.20 -7.65 -24.95
CA LEU A 6 -3.08 -6.83 -24.12
C LEU A 6 -3.69 -7.74 -23.07
N THR A 7 -4.38 -8.80 -23.52
CA THR A 7 -4.92 -9.79 -22.60
C THR A 7 -4.70 -11.21 -23.13
N VAL A 8 -4.74 -12.17 -22.22
CA VAL A 8 -4.65 -13.57 -22.62
C VAL A 8 -5.61 -14.37 -21.75
N GLU A 9 -6.31 -15.33 -22.34
CA GLU A 9 -7.19 -16.24 -21.61
C GLU A 9 -7.03 -17.66 -22.13
N GLN A 10 -7.19 -18.63 -21.25
CA GLN A 10 -7.39 -20.02 -21.68
C GLN A 10 -8.88 -20.40 -21.61
N ILE A 11 -9.43 -20.85 -22.73
CA ILE A 11 -10.80 -21.33 -22.78
C ILE A 11 -10.79 -22.71 -23.45
N GLY A 12 -10.90 -23.76 -22.64
CA GLY A 12 -10.74 -25.13 -23.14
C GLY A 12 -9.36 -25.28 -23.76
N ASP A 13 -9.32 -25.75 -25.01
CA ASP A 13 -8.06 -25.96 -25.71
C ASP A 13 -7.59 -24.74 -26.52
N SER A 14 -8.20 -23.60 -26.27
CA SER A 14 -7.85 -22.38 -26.97
C SER A 14 -7.24 -21.30 -26.06
N ILE A 15 -6.19 -20.67 -26.57
CA ILE A 15 -5.71 -19.41 -26.01
C ILE A 15 -6.38 -18.30 -26.82
N PHE A 16 -7.08 -17.41 -26.13
CA PHE A 16 -7.60 -16.20 -26.76
C PHE A 16 -6.73 -15.04 -26.33
N GLU A 17 -6.17 -14.33 -27.31
CA GLU A 17 -5.26 -13.22 -27.03
C GLU A 17 -5.69 -11.96 -27.76
N ARG A 18 -5.79 -10.88 -27.02
CA ARG A 18 -5.86 -9.54 -27.58
C ARG A 18 -4.45 -8.97 -27.53
N TYR A 19 -4.04 -8.31 -28.62
CA TYR A 19 -2.66 -7.81 -28.71
C TYR A 19 -2.58 -6.59 -29.63
N ILE A 20 -1.43 -5.93 -29.59
CA ILE A 20 -1.10 -4.83 -30.48
C ILE A 20 -0.11 -5.37 -31.52
N ASP A 21 -0.44 -5.26 -32.80
CA ASP A 21 0.47 -5.74 -33.86
C ASP A 21 1.60 -4.74 -34.19
N SER A 22 2.46 -5.13 -35.13
CA SER A 22 3.65 -4.34 -35.48
C SER A 22 3.32 -2.95 -36.05
N ASN A 23 2.08 -2.76 -36.50
CA ASN A 23 1.59 -1.47 -36.95
C ASN A 23 0.85 -0.66 -35.89
N GLY A 24 0.84 -1.13 -34.65
CA GLY A 24 0.17 -0.43 -33.58
C GLY A 24 -1.35 -0.58 -33.60
N ARG A 25 -1.84 -1.62 -34.26
CA ARG A 25 -3.27 -1.87 -34.36
C ARG A 25 -3.69 -2.94 -33.37
N GLU A 26 -4.87 -2.77 -32.77
CA GLU A 26 -5.43 -3.79 -31.87
C GLU A 26 -6.03 -4.97 -32.63
N ARG A 27 -5.62 -6.17 -32.23
CA ARG A 27 -6.06 -7.39 -32.89
C ARG A 27 -6.44 -8.45 -31.85
N THR A 28 -7.17 -9.48 -32.30
CA THR A 28 -7.51 -10.63 -31.46
C THR A 28 -7.28 -11.89 -32.27
N ARG A 29 -6.78 -12.93 -31.61
CA ARG A 29 -6.62 -14.23 -32.26
C ARG A 29 -6.91 -15.38 -31.31
N GLU A 30 -7.37 -16.48 -31.87
CA GLU A 30 -7.59 -17.70 -31.12
C GLU A 30 -6.53 -18.69 -31.57
N VAL A 31 -5.72 -19.19 -30.63
CA VAL A 31 -4.61 -20.10 -30.93
C VAL A 31 -4.83 -21.43 -30.19
N GLU A 32 -4.81 -22.54 -30.93
CA GLU A 32 -4.89 -23.87 -30.32
C GLU A 32 -3.52 -24.27 -29.83
N TYR A 33 -3.18 -23.80 -28.63
CA TYR A 33 -1.82 -23.88 -28.11
C TYR A 33 -1.42 -25.31 -27.80
N LYS A 34 -0.24 -25.71 -28.27
CA LYS A 34 0.29 -27.03 -27.99
C LYS A 34 1.37 -26.91 -26.93
N PRO A 35 1.01 -27.18 -25.66
CA PRO A 35 1.96 -26.96 -24.57
C PRO A 35 2.94 -28.12 -24.42
N SER A 36 4.05 -27.85 -23.72
CA SER A 36 5.01 -28.88 -23.37
C SER A 36 5.14 -28.98 -21.85
N LEU A 37 5.28 -30.20 -21.35
CA LEU A 37 5.72 -30.44 -20.00
C LEU A 37 6.90 -31.42 -20.08
N PHE A 38 7.42 -31.85 -18.94
CA PHE A 38 8.67 -32.59 -18.92
C PHE A 38 8.65 -33.67 -17.83
N ALA A 39 9.41 -34.74 -18.04
CA ALA A 39 9.55 -35.81 -17.05
C ALA A 39 11.03 -36.17 -16.96
N HIS A 40 11.47 -36.58 -15.79
CA HIS A 40 12.85 -37.02 -15.61
C HIS A 40 13.09 -38.23 -16.46
N CYS A 41 14.24 -38.26 -17.12
CA CYS A 41 14.61 -39.36 -18.01
C CYS A 41 16.03 -39.84 -17.69
N PRO A 42 16.39 -41.06 -18.15
CA PRO A 42 17.72 -41.60 -17.84
C PRO A 42 18.85 -40.75 -18.42
N GLU A 43 19.94 -40.64 -17.65
CA GLU A 43 21.12 -39.86 -18.02
C GLU A 43 21.56 -40.15 -19.46
N SER A 44 21.79 -41.44 -19.75
CA SER A 44 22.25 -41.93 -21.06
C SER A 44 21.61 -41.24 -22.27
N GLN A 45 20.34 -40.85 -22.13
CA GLN A 45 19.62 -40.19 -23.21
C GLN A 45 20.11 -38.75 -23.40
N ALA A 46 20.58 -38.44 -24.60
CA ALA A 46 21.09 -37.11 -24.95
C ALA A 46 19.95 -36.11 -25.15
N THR A 47 19.70 -35.30 -24.14
CA THR A 47 18.63 -34.30 -24.17
C THR A 47 19.22 -32.89 -24.03
N LYS A 48 18.43 -31.87 -24.31
CA LYS A 48 18.88 -30.50 -24.10
C LYS A 48 18.15 -29.83 -22.92
N TYR A 49 17.27 -30.58 -22.26
CA TYR A 49 16.50 -30.05 -21.15
C TYR A 49 16.93 -30.64 -19.83
N PHE A 50 17.19 -29.74 -18.87
CA PHE A 50 17.63 -30.12 -17.52
C PHE A 50 16.77 -29.41 -16.47
N ASP A 51 16.45 -30.10 -15.36
CA ASP A 51 15.73 -29.43 -14.28
C ASP A 51 16.71 -28.51 -13.54
N ILE A 52 16.26 -27.79 -12.52
CA ILE A 52 17.11 -26.77 -11.89
C ILE A 52 18.30 -27.36 -11.15
N TYR A 53 18.22 -28.65 -10.81
CA TYR A 53 19.30 -29.38 -10.13
C TYR A 53 20.18 -30.14 -11.10
N GLY A 54 20.00 -29.90 -12.41
CA GLY A 54 20.83 -30.50 -13.45
C GLY A 54 20.47 -31.92 -13.85
N LYS A 55 19.35 -32.44 -13.33
CA LYS A 55 18.86 -33.75 -13.73
C LYS A 55 18.25 -33.67 -15.14
N PRO A 56 18.57 -34.65 -16.00
CA PRO A 56 18.07 -34.64 -17.39
C PRO A 56 16.56 -34.84 -17.49
N CYS A 57 15.93 -34.09 -18.39
CA CYS A 57 14.51 -34.25 -18.64
C CYS A 57 14.21 -34.47 -20.11
N THR A 58 13.10 -35.16 -20.37
CA THR A 58 12.59 -35.34 -21.71
C THR A 58 11.34 -34.46 -21.87
N ARG A 59 11.21 -33.81 -23.02
CA ARG A 59 10.06 -32.97 -23.31
C ARG A 59 8.88 -33.80 -23.83
N LYS A 60 7.68 -33.49 -23.34
CA LYS A 60 6.46 -34.07 -23.86
C LYS A 60 5.64 -32.96 -24.54
N LEU A 61 5.52 -33.02 -25.86
CA LEU A 61 4.71 -32.05 -26.60
C LEU A 61 3.29 -32.59 -26.68
N PHE A 62 2.32 -31.82 -26.21
CA PHE A 62 0.92 -32.27 -26.22
C PHE A 62 0.10 -31.74 -27.38
N ALA A 63 -0.86 -32.54 -27.85
CA ALA A 63 -1.71 -32.12 -28.96
C ALA A 63 -2.63 -30.98 -28.56
N ASN A 64 -2.96 -30.91 -27.26
CA ASN A 64 -3.77 -29.83 -26.71
C ASN A 64 -3.56 -29.68 -25.22
N MET A 65 -4.14 -28.62 -24.65
CA MET A 65 -3.96 -28.31 -23.23
C MET A 65 -4.67 -29.32 -22.32
N ARG A 66 -5.81 -29.84 -22.75
CA ARG A 66 -6.50 -30.87 -21.97
C ARG A 66 -5.63 -32.10 -21.78
N ASP A 67 -5.02 -32.57 -22.87
CA ASP A 67 -4.12 -33.73 -22.81
C ASP A 67 -2.99 -33.50 -21.85
N ALA A 68 -2.45 -32.28 -21.86
CA ALA A 68 -1.36 -31.91 -20.96
C ALA A 68 -1.81 -32.00 -19.48
N SER A 69 -2.97 -31.41 -19.18
CA SER A 69 -3.58 -31.53 -17.83
C SER A 69 -3.84 -32.99 -17.43
N GLN A 70 -4.40 -33.78 -18.34
CA GLN A 70 -4.71 -35.18 -18.06
C GLN A 70 -3.45 -35.99 -17.76
N TRP A 71 -2.36 -35.62 -18.40
CA TRP A 71 -1.07 -36.25 -18.18
C TRP A 71 -0.54 -35.94 -16.82
N ILE A 72 -0.70 -34.68 -16.39
CA ILE A 72 -0.34 -34.28 -15.03
C ILE A 72 -1.02 -35.20 -13.97
N LYS A 73 -2.31 -35.45 -14.14
CA LYS A 73 -3.05 -36.32 -13.21
C LYS A 73 -2.56 -37.76 -13.22
N ARG A 74 -2.32 -38.30 -14.42
CA ARG A 74 -1.76 -39.65 -14.54
C ARG A 74 -0.41 -39.77 -13.86
N MET A 75 0.43 -38.74 -14.05
CA MET A 75 1.75 -38.71 -13.40
C MET A 75 1.64 -38.67 -11.88
N GLU A 76 0.69 -37.87 -11.37
CA GLU A 76 0.40 -37.83 -9.93
C GLU A 76 0.03 -39.23 -9.40
N ASP A 77 -0.83 -39.94 -10.13
CA ASP A 77 -1.28 -41.28 -9.75
C ASP A 77 -0.18 -42.32 -9.80
N ILE A 78 0.71 -42.21 -10.78
CA ILE A 78 1.89 -43.06 -10.86
C ILE A 78 2.83 -42.75 -9.69
N GLY A 79 2.94 -41.47 -9.32
CA GLY A 79 3.87 -41.04 -8.27
C GLY A 79 5.18 -40.48 -8.80
N LEU A 80 5.14 -39.80 -9.96
CA LEU A 80 6.34 -39.18 -10.53
C LEU A 80 6.11 -37.73 -10.84
N GLU A 81 7.17 -36.93 -10.74
CA GLU A 81 7.07 -35.48 -10.93
C GLU A 81 6.75 -35.11 -12.38
N ALA A 82 5.77 -34.25 -12.54
CA ALA A 82 5.42 -33.67 -13.83
C ALA A 82 5.96 -32.24 -13.84
N LEU A 83 7.07 -32.02 -14.55
CA LEU A 83 7.78 -30.73 -14.53
C LEU A 83 7.30 -29.79 -15.64
N GLY A 84 7.67 -28.50 -15.54
CA GLY A 84 7.25 -27.48 -16.50
C GLY A 84 6.14 -26.55 -16.03
N MET A 85 5.88 -25.51 -16.82
CA MET A 85 4.85 -24.51 -16.48
C MET A 85 3.43 -25.06 -16.72
N ASP A 86 2.66 -25.19 -15.64
CA ASP A 86 1.32 -25.80 -15.72
C ASP A 86 0.20 -24.79 -15.96
N ASP A 87 0.51 -23.50 -15.79
CA ASP A 87 -0.42 -22.42 -16.17
C ASP A 87 -0.06 -22.10 -17.61
N PHE A 88 -0.81 -22.68 -18.54
CA PHE A 88 -0.39 -22.68 -19.94
C PHE A 88 -0.36 -21.30 -20.58
N LYS A 89 -1.17 -20.37 -20.10
CA LYS A 89 -1.12 -19.02 -20.69
C LYS A 89 0.17 -18.26 -20.34
N LEU A 90 0.82 -18.61 -19.24
CA LEU A 90 2.16 -18.07 -18.98
C LEU A 90 3.17 -18.66 -19.97
N ALA A 91 3.01 -19.95 -20.29
CA ALA A 91 3.84 -20.58 -21.30
C ALA A 91 3.59 -19.92 -22.66
N TYR A 92 2.31 -19.71 -22.99
CA TYR A 92 1.95 -19.07 -24.25
C TYR A 92 2.61 -17.69 -24.38
N LEU A 93 2.46 -16.85 -23.36
CA LEU A 93 3.06 -15.51 -23.39
C LEU A 93 4.59 -15.57 -23.53
N SER A 94 5.20 -16.50 -22.81
CA SER A 94 6.65 -16.68 -22.85
C SER A 94 7.15 -17.12 -24.24
N ASP A 95 6.40 -18.03 -24.87
CA ASP A 95 6.71 -18.47 -26.23
C ASP A 95 6.45 -17.40 -27.25
N THR A 96 5.38 -16.63 -27.06
CA THR A 96 4.95 -15.65 -28.05
C THR A 96 5.78 -14.36 -28.00
N TYR A 97 6.20 -13.99 -26.80
CA TYR A 97 6.97 -12.77 -26.58
C TYR A 97 8.29 -13.15 -25.97
N ASN A 98 9.18 -13.68 -26.82
CA ASN A 98 10.47 -14.15 -26.37
C ASN A 98 11.52 -13.06 -26.47
N TYR A 99 11.22 -11.94 -25.83
CA TYR A 99 12.07 -10.77 -25.80
C TYR A 99 11.55 -9.88 -24.67
N GLU A 100 12.28 -8.81 -24.37
CA GLU A 100 11.85 -7.87 -23.35
C GLU A 100 10.74 -6.98 -23.93
N ILE A 101 9.58 -6.97 -23.30
CA ILE A 101 8.45 -6.26 -23.86
C ILE A 101 8.57 -4.75 -23.70
N LYS A 102 8.46 -4.05 -24.81
CA LYS A 102 8.39 -2.59 -24.79
C LYS A 102 6.96 -2.28 -25.22
N TYR A 103 6.15 -1.82 -24.28
CA TYR A 103 4.76 -1.54 -24.58
C TYR A 103 4.53 -0.05 -24.77
N ASP A 104 3.48 0.30 -25.50
CA ASP A 104 3.12 1.69 -25.72
C ASP A 104 1.75 1.89 -25.09
N HIS A 105 1.72 2.60 -23.96
CA HIS A 105 0.50 2.76 -23.19
C HIS A 105 -0.56 3.52 -23.92
N THR A 106 -0.17 4.33 -24.91
CA THR A 106 -1.15 5.13 -25.68
C THR A 106 -1.99 4.24 -26.60
N LYS A 107 -1.55 2.98 -26.79
CA LYS A 107 -2.31 2.00 -27.58
C LYS A 107 -3.21 1.12 -26.72
N ILE A 108 -3.10 1.23 -25.40
CA ILE A 108 -3.84 0.36 -24.50
C ILE A 108 -5.10 1.08 -24.05
N ARG A 109 -6.26 0.48 -24.29
CA ARG A 109 -7.53 1.11 -23.90
C ARG A 109 -7.80 0.95 -22.40
N VAL A 110 -7.66 2.07 -21.68
CA VAL A 110 -7.95 2.11 -20.25
C VAL A 110 -9.32 2.78 -20.04
N ALA A 111 -10.27 2.02 -19.50
CA ALA A 111 -11.63 2.50 -19.26
C ALA A 111 -11.85 2.73 -17.76
N ASN A 112 -12.35 3.92 -17.42
CA ASN A 112 -12.72 4.27 -16.04
C ASN A 112 -14.20 4.55 -16.10
N PHE A 113 -15.01 3.78 -15.36
CA PHE A 113 -16.44 4.05 -15.38
C PHE A 113 -17.08 3.92 -14.00
N ASP A 114 -18.32 4.38 -13.94
CA ASP A 114 -19.15 4.22 -12.75
C ASP A 114 -20.60 4.47 -13.15
N ILE A 115 -21.52 3.94 -12.37
CA ILE A 115 -22.94 3.99 -12.73
C ILE A 115 -23.74 4.52 -11.57
N GLU A 116 -24.95 5.00 -11.85
CA GLU A 116 -25.88 5.40 -10.79
C GLU A 116 -27.10 4.53 -10.92
N VAL A 117 -27.73 4.20 -9.80
CA VAL A 117 -28.94 3.38 -9.78
C VAL A 117 -29.82 3.92 -8.64
N THR A 118 -30.86 4.67 -8.97
CA THR A 118 -31.80 5.13 -7.95
C THR A 118 -32.56 3.91 -7.39
N SER A 119 -32.59 3.78 -6.08
CA SER A 119 -33.29 2.68 -5.40
C SER A 119 -34.11 3.19 -4.22
N PRO A 120 -35.45 3.12 -4.31
CA PRO A 120 -36.31 3.57 -3.23
C PRO A 120 -36.46 2.58 -2.06
N ASP A 121 -35.79 1.42 -2.14
CA ASP A 121 -35.95 0.41 -1.08
C ASP A 121 -34.63 -0.20 -0.58
N GLY A 122 -33.69 0.66 -0.23
CA GLY A 122 -32.41 0.21 0.32
C GLY A 122 -31.35 0.08 -0.76
N PHE A 123 -30.18 -0.42 -0.38
CA PHE A 123 -29.05 -0.51 -1.29
C PHE A 123 -29.40 -1.39 -2.50
N PRO A 124 -29.10 -0.91 -3.72
CA PRO A 124 -29.40 -1.73 -4.93
C PRO A 124 -28.40 -2.89 -5.13
N GLU A 125 -28.80 -4.09 -4.70
CA GLU A 125 -27.91 -5.26 -4.72
C GLU A 125 -27.56 -5.68 -6.14
N PRO A 126 -26.26 -5.82 -6.45
CA PRO A 126 -25.90 -6.21 -7.83
C PRO A 126 -26.44 -7.59 -8.22
N SER A 127 -26.57 -8.50 -7.27
CA SER A 127 -27.00 -9.85 -7.61
C SER A 127 -28.47 -9.89 -8.04
N GLN A 128 -29.27 -8.95 -7.55
CA GLN A 128 -30.68 -8.86 -7.92
C GLN A 128 -30.91 -7.86 -9.06
N ALA A 129 -30.10 -6.79 -9.09
CA ALA A 129 -30.22 -5.75 -10.12
C ALA A 129 -31.67 -5.44 -10.49
N LYS A 130 -32.49 -5.11 -9.50
CA LYS A 130 -33.92 -4.93 -9.77
C LYS A 130 -34.32 -3.50 -10.13
N HIS A 131 -33.36 -2.56 -10.10
CA HIS A 131 -33.66 -1.16 -10.42
C HIS A 131 -32.97 -0.70 -11.67
N PRO A 132 -33.59 0.25 -12.41
CA PRO A 132 -32.96 0.75 -13.63
C PRO A 132 -31.61 1.39 -13.38
N ILE A 133 -30.67 1.17 -14.30
CA ILE A 133 -29.44 1.94 -14.34
C ILE A 133 -29.81 3.30 -14.94
N ASP A 134 -29.60 4.39 -14.21
CA ASP A 134 -30.07 5.67 -14.72
C ASP A 134 -28.98 6.67 -15.07
N ALA A 135 -27.72 6.27 -14.86
CA ALA A 135 -26.58 7.03 -15.36
C ALA A 135 -25.37 6.12 -15.50
N ILE A 136 -24.61 6.30 -16.59
CA ILE A 136 -23.28 5.73 -16.75
C ILE A 136 -22.35 6.84 -17.26
N THR A 137 -21.20 7.01 -16.61
CA THR A 137 -20.11 7.80 -17.18
C THR A 137 -18.94 6.86 -17.39
N HIS A 138 -18.41 6.88 -18.61
CA HIS A 138 -17.40 5.93 -19.04
C HIS A 138 -16.36 6.76 -19.73
N TYR A 139 -15.20 6.86 -19.08
CA TYR A 139 -14.06 7.55 -19.68
C TYR A 139 -13.17 6.58 -20.44
N ASP A 140 -12.83 6.94 -21.67
CA ASP A 140 -11.97 6.14 -22.51
C ASP A 140 -10.63 6.84 -22.68
N SER A 141 -9.53 6.15 -22.37
CA SER A 141 -8.20 6.76 -22.36
C SER A 141 -7.65 6.99 -23.78
N ILE A 142 -8.11 6.20 -24.75
CA ILE A 142 -7.73 6.45 -26.15
C ILE A 142 -8.44 7.68 -26.75
N ASP A 143 -9.75 7.79 -26.53
CA ASP A 143 -10.47 8.99 -27.00
C ASP A 143 -10.23 10.22 -26.14
N ASP A 144 -9.76 10.00 -24.91
CA ASP A 144 -9.69 11.06 -23.89
C ASP A 144 -11.05 11.77 -23.78
N ARG A 145 -12.12 10.99 -23.65
CA ARG A 145 -13.48 11.54 -23.58
C ARG A 145 -14.32 10.84 -22.50
N PHE A 146 -15.21 11.61 -21.88
CA PHE A 146 -16.16 11.09 -20.89
C PHE A 146 -17.48 10.87 -21.60
N TYR A 147 -17.84 9.62 -21.81
CA TYR A 147 -19.12 9.28 -22.44
C TYR A 147 -20.17 9.12 -21.38
N VAL A 148 -21.20 9.96 -21.45
CA VAL A 148 -22.23 10.06 -20.41
C VAL A 148 -23.59 9.58 -20.96
N PHE A 149 -24.05 8.48 -20.39
CA PHE A 149 -25.33 7.87 -20.74
C PHE A 149 -26.34 8.23 -19.64
N ASP A 150 -27.39 8.96 -20.01
CA ASP A 150 -28.30 9.57 -19.05
C ASP A 150 -29.72 9.13 -19.31
N LEU A 151 -30.32 8.47 -18.32
CA LEU A 151 -31.71 8.03 -18.44
C LEU A 151 -32.66 9.16 -18.06
N LEU A 152 -33.48 9.59 -19.01
CA LEU A 152 -34.41 10.69 -18.75
C LEU A 152 -35.73 10.22 -18.13
N ASN A 153 -36.20 9.04 -18.57
CA ASN A 153 -37.48 8.50 -18.10
C ASN A 153 -37.31 7.19 -17.38
N SER A 154 -37.83 7.16 -16.16
CA SER A 154 -37.67 6.03 -15.28
C SER A 154 -38.96 5.86 -14.50
N PRO A 155 -39.26 4.61 -14.08
CA PRO A 155 -40.35 4.42 -13.12
C PRO A 155 -40.17 5.25 -11.84
N TYR A 156 -38.97 5.76 -11.60
CA TYR A 156 -38.71 6.56 -10.38
C TYR A 156 -38.69 8.07 -10.64
N GLY A 157 -39.06 8.45 -11.87
CA GLY A 157 -39.19 9.86 -12.18
C GLY A 157 -38.77 10.15 -13.60
N ASN A 158 -39.45 11.11 -14.22
CA ASN A 158 -39.07 11.62 -15.54
C ASN A 158 -38.42 12.98 -15.39
N VAL A 159 -37.26 13.16 -16.00
CA VAL A 159 -36.44 14.34 -15.74
C VAL A 159 -36.01 15.01 -17.04
N GLU A 160 -35.61 16.28 -16.95
CA GLU A 160 -35.08 17.02 -18.09
C GLU A 160 -33.63 16.64 -18.34
N GLU A 161 -33.12 16.98 -19.53
CA GLU A 161 -31.72 16.79 -19.88
C GLU A 161 -30.79 17.57 -18.96
N TRP A 162 -29.62 16.99 -18.70
CA TRP A 162 -28.57 17.64 -17.93
C TRP A 162 -27.98 18.76 -18.73
N SER A 163 -27.65 19.86 -18.05
CA SER A 163 -27.15 21.04 -18.71
C SER A 163 -25.66 21.23 -18.46
N ILE A 164 -24.87 21.18 -19.54
CA ILE A 164 -23.42 21.34 -19.46
C ILE A 164 -23.04 22.77 -19.03
N GLU A 165 -23.89 23.74 -19.36
CA GLU A 165 -23.62 25.13 -19.04
C GLU A 165 -23.78 25.38 -17.55
N ILE A 166 -24.83 24.81 -16.97
CA ILE A 166 -25.06 24.90 -15.53
C ILE A 166 -24.01 24.06 -14.77
N ALA A 167 -23.66 22.91 -15.33
CA ALA A 167 -22.64 22.03 -14.73
C ALA A 167 -21.31 22.75 -14.55
N ALA A 168 -20.96 23.62 -15.50
CA ALA A 168 -19.67 24.35 -15.48
C ALA A 168 -19.61 25.50 -14.48
N LYS A 169 -20.76 26.08 -14.13
CA LYS A 169 -20.81 27.21 -13.18
C LYS A 169 -20.33 26.85 -11.77
N LEU A 170 -19.83 27.86 -11.06
CA LEU A 170 -19.48 27.73 -9.65
C LEU A 170 -20.66 27.20 -8.88
N GLN A 171 -20.40 26.39 -7.86
CA GLN A 171 -21.46 25.93 -6.95
C GLN A 171 -22.10 27.13 -6.24
N GLU A 172 -21.30 28.14 -5.91
CA GLU A 172 -21.82 29.35 -5.26
C GLU A 172 -22.75 30.14 -6.16
N GLN A 173 -22.76 29.81 -7.45
CA GLN A 173 -23.73 30.37 -8.41
C GLN A 173 -24.74 29.31 -8.88
N GLY A 174 -24.90 28.25 -8.09
CA GLY A 174 -25.93 27.25 -8.38
C GLY A 174 -25.53 26.21 -9.41
N GLY A 175 -24.27 26.25 -9.83
CA GLY A 175 -23.75 25.26 -10.77
C GLY A 175 -23.19 24.05 -10.04
N ASP A 176 -22.46 23.21 -10.77
CA ASP A 176 -21.91 21.99 -10.20
C ASP A 176 -20.40 21.98 -10.15
N GLU A 177 -19.77 23.02 -10.70
CA GLU A 177 -18.31 23.12 -10.78
C GLU A 177 -17.65 21.87 -11.35
N VAL A 178 -18.24 21.30 -12.41
CA VAL A 178 -17.53 20.30 -13.20
C VAL A 178 -16.25 20.98 -13.69
N PRO A 179 -15.07 20.41 -13.37
CA PRO A 179 -13.80 21.06 -13.72
C PRO A 179 -13.72 21.51 -15.17
N SER A 180 -13.28 22.75 -15.36
CA SER A 180 -13.20 23.36 -16.67
C SER A 180 -12.35 22.54 -17.67
N GLU A 181 -11.29 21.91 -17.18
CA GLU A 181 -10.41 21.13 -18.04
C GLU A 181 -11.05 19.85 -18.61
N ILE A 182 -12.26 19.49 -18.15
CA ILE A 182 -12.97 18.34 -18.75
C ILE A 182 -14.30 18.68 -19.46
N ILE A 183 -14.75 19.93 -19.34
CA ILE A 183 -16.02 20.35 -19.98
C ILE A 183 -16.04 19.98 -21.47
N ASP A 184 -14.95 20.27 -22.18
CA ASP A 184 -14.86 20.02 -23.61
C ASP A 184 -14.67 18.54 -23.97
N LYS A 185 -14.50 17.67 -22.97
CA LYS A 185 -14.21 16.25 -23.20
C LYS A 185 -15.43 15.38 -22.92
N ILE A 186 -16.54 16.01 -22.59
CA ILE A 186 -17.76 15.28 -22.25
C ILE A 186 -18.60 15.09 -23.51
N ILE A 187 -19.01 13.85 -23.74
CA ILE A 187 -19.92 13.52 -24.84
C ILE A 187 -21.22 13.04 -24.19
N TYR A 188 -22.27 13.86 -24.29
CA TYR A 188 -23.49 13.65 -23.53
C TYR A 188 -24.58 12.98 -24.37
N MET A 189 -25.17 11.92 -23.83
CA MET A 189 -26.15 11.11 -24.57
C MET A 189 -27.37 10.79 -23.69
N PRO A 190 -28.46 11.56 -23.86
CA PRO A 190 -29.69 11.32 -23.11
C PRO A 190 -30.48 10.17 -23.73
N PHE A 191 -31.26 9.47 -22.92
CA PHE A 191 -32.04 8.34 -23.43
C PHE A 191 -33.43 8.39 -22.85
N ASP A 192 -34.40 8.08 -23.69
CA ASP A 192 -35.81 8.06 -23.31
C ASP A 192 -36.23 6.79 -22.56
N ASN A 193 -35.44 5.72 -22.69
CA ASN A 193 -35.73 4.48 -21.96
C ASN A 193 -34.47 3.66 -21.70
N GLU A 194 -34.51 2.86 -20.64
CA GLU A 194 -33.35 2.12 -20.18
C GLU A 194 -32.84 1.08 -21.20
N LYS A 195 -33.76 0.43 -21.89
CA LYS A 195 -33.40 -0.59 -22.86
C LYS A 195 -32.50 -0.04 -23.97
N GLU A 196 -32.84 1.15 -24.46
CA GLU A 196 -32.01 1.76 -25.50
C GLU A 196 -30.69 2.33 -24.95
N LEU A 197 -30.72 2.91 -23.75
CA LEU A 197 -29.46 3.27 -23.07
C LEU A 197 -28.50 2.07 -23.02
N LEU A 198 -29.01 0.93 -22.56
CA LEU A 198 -28.19 -0.25 -22.34
C LEU A 198 -27.73 -0.88 -23.64
N MET A 199 -28.62 -0.95 -24.63
CA MET A 199 -28.23 -1.47 -25.95
C MET A 199 -27.15 -0.59 -26.57
N GLU A 200 -27.31 0.71 -26.44
CA GLU A 200 -26.32 1.63 -26.98
C GLU A 200 -24.99 1.49 -26.22
N TYR A 201 -25.05 1.36 -24.89
CA TYR A 201 -23.85 1.16 -24.07
C TYR A 201 -23.08 -0.10 -24.51
N LEU A 202 -23.80 -1.20 -24.73
CA LEU A 202 -23.19 -2.42 -25.25
C LEU A 202 -22.58 -2.29 -26.65
N ASN A 203 -23.25 -1.60 -27.57
CA ASN A 203 -22.67 -1.31 -28.89
C ASN A 203 -21.39 -0.48 -28.77
N PHE A 204 -21.47 0.57 -27.94
CA PHE A 204 -20.34 1.41 -27.57
C PHE A 204 -19.16 0.56 -27.04
N TRP A 205 -19.47 -0.33 -26.11
CA TRP A 205 -18.50 -1.25 -25.52
C TRP A 205 -17.82 -2.11 -26.57
N GLN A 206 -18.58 -2.50 -27.60
CA GLN A 206 -18.06 -3.33 -28.67
C GLN A 206 -17.04 -2.55 -29.49
N GLN A 207 -17.39 -1.30 -29.79
CA GLN A 207 -16.50 -0.38 -30.51
C GLN A 207 -15.27 -0.04 -29.68
N LYS A 208 -15.43 0.10 -28.37
CA LYS A 208 -14.36 0.61 -27.52
C LYS A 208 -14.14 -0.32 -26.32
N THR A 209 -13.66 -1.53 -26.62
CA THR A 209 -13.64 -2.58 -25.61
C THR A 209 -12.47 -2.38 -24.66
N PRO A 210 -12.78 -2.17 -23.37
CA PRO A 210 -11.72 -1.98 -22.37
C PRO A 210 -10.71 -3.12 -22.42
N VAL A 211 -9.44 -2.76 -22.29
CA VAL A 211 -8.35 -3.71 -22.04
C VAL A 211 -8.15 -3.71 -20.52
N ILE A 212 -7.84 -2.54 -19.97
CA ILE A 212 -7.80 -2.35 -18.53
C ILE A 212 -9.12 -1.69 -18.14
N LEU A 213 -9.86 -2.32 -17.23
CA LEU A 213 -11.11 -1.76 -16.75
C LEU A 213 -10.98 -1.40 -15.28
N THR A 214 -11.21 -0.12 -14.95
CA THR A 214 -11.02 0.36 -13.58
C THR A 214 -12.07 1.38 -13.17
N GLY A 215 -11.89 1.94 -11.98
CA GLY A 215 -12.90 2.80 -11.38
C GLY A 215 -12.99 2.47 -9.90
N TRP A 216 -13.87 3.17 -9.20
CA TRP A 216 -13.96 3.05 -7.76
C TRP A 216 -14.98 2.02 -7.42
N ASN A 217 -14.53 0.89 -6.87
CA ASN A 217 -15.46 -0.16 -6.47
C ASN A 217 -16.14 -0.89 -7.63
N VAL A 218 -15.57 -0.82 -8.82
CA VAL A 218 -16.22 -1.43 -10.01
C VAL A 218 -16.42 -2.93 -9.88
N GLU A 219 -15.49 -3.61 -9.21
CA GLU A 219 -15.57 -5.08 -9.15
C GLU A 219 -16.72 -5.58 -8.27
N SER A 220 -17.07 -4.84 -7.23
CA SER A 220 -18.16 -5.27 -6.36
C SER A 220 -19.50 -4.57 -6.62
N PHE A 221 -19.48 -3.45 -7.35
CA PHE A 221 -20.74 -2.79 -7.66
C PHE A 221 -21.03 -2.67 -9.17
N ALA A 222 -20.34 -1.74 -9.84
CA ALA A 222 -20.70 -1.35 -11.21
C ALA A 222 -20.73 -2.52 -12.18
N ILE A 223 -19.66 -3.31 -12.20
CA ILE A 223 -19.55 -4.45 -13.10
C ILE A 223 -20.67 -5.49 -12.87
N PRO A 224 -20.77 -6.06 -11.65
CA PRO A 224 -21.85 -7.03 -11.49
C PRO A 224 -23.24 -6.40 -11.62
N TYR A 225 -23.38 -5.12 -11.28
CA TYR A 225 -24.70 -4.49 -11.47
C TYR A 225 -25.07 -4.41 -12.95
N VAL A 226 -24.16 -3.86 -13.75
CA VAL A 226 -24.36 -3.78 -15.20
C VAL A 226 -24.61 -5.17 -15.80
N TYR A 227 -23.77 -6.13 -15.44
CA TYR A 227 -23.92 -7.48 -15.95
C TYR A 227 -25.30 -8.06 -15.62
N ASN A 228 -25.67 -8.01 -14.35
CA ASN A 228 -26.97 -8.56 -13.91
C ASN A 228 -28.20 -7.83 -14.42
N ARG A 229 -28.09 -6.50 -14.54
CA ARG A 229 -29.19 -5.71 -15.09
C ARG A 229 -29.48 -6.08 -16.55
N ILE A 230 -28.42 -6.16 -17.35
CA ILE A 230 -28.53 -6.62 -18.75
C ILE A 230 -29.05 -8.06 -18.84
N LYS A 231 -28.52 -8.93 -17.98
CA LYS A 231 -29.02 -10.32 -17.92
C LYS A 231 -30.54 -10.35 -17.70
N ASN A 232 -31.01 -9.59 -16.72
CA ASN A 232 -32.43 -9.54 -16.37
C ASN A 232 -33.33 -8.98 -17.47
N ILE A 233 -32.87 -7.94 -18.15
CA ILE A 233 -33.65 -7.31 -19.21
C ILE A 233 -33.57 -8.08 -20.53
N PHE A 234 -32.36 -8.44 -20.97
CA PHE A 234 -32.15 -8.97 -22.32
C PHE A 234 -31.83 -10.47 -22.37
N GLY A 235 -31.34 -11.02 -21.28
CA GLY A 235 -30.95 -12.43 -21.25
C GLY A 235 -29.45 -12.55 -21.05
N GLU A 236 -29.01 -13.70 -20.56
CA GLU A 236 -27.62 -13.93 -20.21
C GLU A 236 -26.65 -13.78 -21.39
N SER A 237 -27.03 -14.26 -22.57
CA SER A 237 -26.17 -14.17 -23.75
C SER A 237 -25.82 -12.73 -24.12
N THR A 238 -26.80 -11.83 -24.00
CA THR A 238 -26.58 -10.41 -24.24
C THR A 238 -25.58 -9.86 -23.23
N ALA A 239 -25.75 -10.24 -21.97
CA ALA A 239 -24.89 -9.76 -20.88
C ALA A 239 -23.44 -10.18 -21.12
N LYS A 240 -23.27 -11.38 -21.68
CA LYS A 240 -21.96 -11.90 -22.06
C LYS A 240 -21.24 -11.13 -23.17
N ARG A 241 -21.94 -10.19 -23.82
CA ARG A 241 -21.31 -9.26 -24.77
C ARG A 241 -20.31 -8.31 -24.09
N LEU A 242 -20.34 -8.27 -22.75
CA LEU A 242 -19.33 -7.51 -21.99
C LEU A 242 -17.95 -8.17 -22.05
N SER A 243 -17.91 -9.45 -22.41
CA SER A 243 -16.67 -10.19 -22.67
C SER A 243 -16.36 -10.21 -24.16
N PRO A 244 -15.16 -9.74 -24.57
CA PRO A 244 -14.86 -9.80 -26.01
C PRO A 244 -14.82 -11.24 -26.55
N HIS A 245 -14.72 -12.22 -25.65
CA HIS A 245 -14.78 -13.64 -26.02
C HIS A 245 -16.10 -14.28 -25.67
N ARG A 246 -17.08 -13.46 -25.25
CA ARG A 246 -18.42 -13.93 -24.84
C ARG A 246 -18.38 -14.99 -23.75
N LYS A 247 -17.41 -14.90 -22.85
CA LYS A 247 -17.32 -15.88 -21.79
C LYS A 247 -17.16 -15.18 -20.45
N THR A 248 -17.97 -15.60 -19.49
CA THR A 248 -17.92 -15.01 -18.14
C THR A 248 -17.95 -16.13 -17.10
N ARG A 249 -17.47 -15.81 -15.89
CA ARG A 249 -17.65 -16.67 -14.73
C ARG A 249 -18.25 -15.85 -13.60
N VAL A 250 -19.33 -16.37 -13.02
CA VAL A 250 -20.01 -15.70 -11.92
C VAL A 250 -19.67 -16.40 -10.63
N LYS A 251 -19.03 -15.68 -9.71
CA LYS A 251 -18.74 -16.22 -8.39
C LYS A 251 -19.66 -15.60 -7.34
N VAL A 252 -20.41 -16.47 -6.66
CA VAL A 252 -21.33 -16.06 -5.60
C VAL A 252 -20.79 -16.38 -4.20
N ILE A 253 -20.77 -15.38 -3.33
CA ILE A 253 -20.46 -15.58 -1.91
C ILE A 253 -21.62 -15.12 -1.04
N GLU A 254 -22.08 -16.03 -0.17
CA GLU A 254 -23.26 -15.81 0.67
C GLU A 254 -22.88 -15.86 2.16
N ASN A 255 -23.79 -15.37 3.01
CA ASN A 255 -23.66 -15.50 4.47
C ASN A 255 -25.01 -15.25 5.16
N MET A 256 -24.98 -15.08 6.48
CA MET A 256 -26.18 -14.72 7.24
C MET A 256 -26.50 -13.23 7.05
N TYR A 257 -26.93 -12.89 5.84
CA TYR A 257 -27.28 -11.54 5.43
C TYR A 257 -27.85 -11.62 4.01
N GLY A 258 -27.06 -11.15 3.04
CA GLY A 258 -27.37 -11.31 1.63
C GLY A 258 -26.24 -12.06 0.93
N SER A 259 -26.29 -12.06 -0.40
CA SER A 259 -25.23 -12.69 -1.19
C SER A 259 -24.84 -11.81 -2.37
N ARG A 260 -23.55 -11.54 -2.48
CA ARG A 260 -23.01 -10.75 -3.59
C ARG A 260 -22.31 -11.63 -4.62
N GLU A 261 -21.98 -11.05 -5.77
CA GLU A 261 -21.32 -11.76 -6.87
C GLU A 261 -20.12 -10.99 -7.40
N ILE A 262 -19.05 -11.70 -7.75
CA ILE A 262 -18.04 -11.13 -8.64
C ILE A 262 -18.10 -11.80 -10.01
N ILE A 263 -18.00 -11.01 -11.06
CA ILE A 263 -18.15 -11.47 -12.43
C ILE A 263 -16.78 -11.42 -13.08
N THR A 264 -16.28 -12.55 -13.54
CA THR A 264 -15.07 -12.52 -14.34
C THR A 264 -15.45 -12.32 -15.80
N LEU A 265 -14.93 -11.25 -16.39
CA LEU A 265 -15.09 -10.98 -17.82
C LEU A 265 -13.83 -11.43 -18.54
N PHE A 266 -13.93 -12.57 -19.25
CA PHE A 266 -12.80 -13.11 -19.99
C PHE A 266 -12.41 -12.13 -21.08
N GLY A 267 -11.11 -11.85 -21.16
CA GLY A 267 -10.58 -10.97 -22.21
C GLY A 267 -10.49 -9.52 -21.79
N ILE A 268 -10.86 -9.24 -20.54
CA ILE A 268 -10.67 -7.92 -19.93
C ILE A 268 -9.81 -8.05 -18.68
N SER A 269 -8.97 -7.06 -18.40
CA SER A 269 -8.22 -7.04 -17.14
C SER A 269 -8.82 -6.00 -16.20
N VAL A 270 -9.60 -6.46 -15.23
CA VAL A 270 -10.23 -5.60 -14.24
C VAL A 270 -9.24 -5.28 -13.13
N LEU A 271 -8.99 -4.00 -12.94
CA LEU A 271 -8.13 -3.51 -11.85
C LEU A 271 -8.90 -2.46 -11.07
N ASP A 272 -9.72 -2.91 -10.12
CA ASP A 272 -10.54 -2.03 -9.30
C ASP A 272 -9.61 -1.05 -8.59
N TYR A 273 -9.90 0.23 -8.70
CA TYR A 273 -8.94 1.20 -8.18
C TYR A 273 -8.79 1.16 -6.67
N ILE A 274 -9.85 0.73 -5.98
CA ILE A 274 -9.77 0.53 -4.54
C ILE A 274 -8.72 -0.55 -4.18
N ASP A 275 -8.67 -1.63 -4.96
CA ASP A 275 -7.68 -2.70 -4.74
C ASP A 275 -6.26 -2.26 -5.05
N LEU A 276 -6.10 -1.51 -6.13
CA LEU A 276 -4.83 -0.88 -6.48
C LEU A 276 -4.37 0.02 -5.34
N TYR A 277 -5.28 0.87 -4.86
CA TYR A 277 -4.97 1.82 -3.80
C TYR A 277 -4.51 1.10 -2.52
N LYS A 278 -5.29 0.12 -2.08
CA LYS A 278 -4.94 -0.65 -0.90
C LYS A 278 -3.58 -1.34 -1.02
N LYS A 279 -3.27 -1.86 -2.21
CA LYS A 279 -2.02 -2.58 -2.40
C LYS A 279 -0.80 -1.66 -2.51
N PHE A 280 -0.95 -0.55 -3.22
CA PHE A 280 0.18 0.25 -3.65
C PHE A 280 0.41 1.57 -2.91
N SER A 281 -0.58 2.02 -2.14
CA SER A 281 -0.52 3.33 -1.49
C SER A 281 0.22 3.35 -0.15
N PHE A 282 0.37 2.19 0.48
CA PHE A 282 0.91 2.10 1.84
C PHE A 282 0.33 3.13 2.82
N THR A 283 -1.00 3.29 2.77
CA THR A 283 -1.76 4.00 3.78
C THR A 283 -2.66 2.98 4.43
N ASN A 284 -3.19 3.31 5.61
CA ASN A 284 -4.35 2.61 6.09
C ASN A 284 -5.38 3.65 6.48
N GLN A 285 -6.47 3.65 5.73
CA GLN A 285 -7.49 4.70 5.83
C GLN A 285 -8.62 4.26 6.73
N PRO A 286 -9.27 5.20 7.42
CA PRO A 286 -10.44 4.82 8.23
C PRO A 286 -11.68 4.56 7.38
N SER A 287 -11.67 5.06 6.15
CA SER A 287 -12.77 4.88 5.21
C SER A 287 -12.21 4.79 3.81
N TYR A 288 -12.92 4.05 2.96
CA TYR A 288 -12.56 3.98 1.54
C TYR A 288 -13.64 4.48 0.61
N SER A 289 -14.48 5.38 1.10
CA SER A 289 -15.36 6.10 0.18
C SER A 289 -14.50 6.99 -0.71
N LEU A 290 -14.97 7.23 -1.93
CA LEU A 290 -14.22 8.06 -2.86
C LEU A 290 -14.13 9.51 -2.36
N ASP A 291 -15.16 10.00 -1.68
CA ASP A 291 -15.13 11.32 -1.04
C ASP A 291 -13.95 11.46 -0.10
N TYR A 292 -13.78 10.45 0.76
CA TYR A 292 -12.73 10.49 1.78
C TYR A 292 -11.35 10.40 1.14
N ILE A 293 -11.19 9.46 0.23
CA ILE A 293 -9.90 9.25 -0.40
C ILE A 293 -9.53 10.46 -1.27
N SER A 294 -10.50 11.05 -1.97
CA SER A 294 -10.22 12.22 -2.82
C SER A 294 -9.80 13.40 -1.97
N GLU A 295 -10.53 13.65 -0.88
CA GLU A 295 -10.13 14.67 0.08
C GLU A 295 -8.71 14.40 0.55
N PHE A 296 -8.42 13.18 1.00
CA PHE A 296 -7.07 12.83 1.47
C PHE A 296 -6.01 13.03 0.39
N GLU A 297 -6.30 12.60 -0.84
CA GLU A 297 -5.25 12.56 -1.88
C GLU A 297 -5.06 13.89 -2.59
N LEU A 298 -6.16 14.63 -2.74
CA LEU A 298 -6.20 15.78 -3.64
C LEU A 298 -6.61 17.08 -2.94
N ASN A 299 -7.02 16.97 -1.68
CA ASN A 299 -7.50 18.11 -0.91
C ASN A 299 -8.72 18.83 -1.53
N VAL A 300 -9.58 18.06 -2.18
CA VAL A 300 -10.82 18.60 -2.71
C VAL A 300 -11.97 18.29 -1.75
N GLY A 301 -12.95 19.19 -1.72
CA GLY A 301 -14.10 19.05 -0.81
C GLY A 301 -15.07 17.96 -1.24
N LYS A 302 -15.76 17.38 -0.26
CA LYS A 302 -16.79 16.36 -0.48
C LYS A 302 -17.85 16.87 -1.47
N LEU A 303 -18.30 16.00 -2.37
CA LEU A 303 -19.39 16.38 -3.28
C LEU A 303 -20.70 16.46 -2.49
N LYS A 304 -21.13 17.69 -2.22
CA LYS A 304 -22.30 17.92 -1.38
C LYS A 304 -23.59 18.00 -2.20
N TYR A 305 -24.64 17.39 -1.65
CA TYR A 305 -25.99 17.51 -2.17
C TYR A 305 -26.97 17.43 -1.01
N ASP A 306 -28.19 17.89 -1.25
CA ASP A 306 -29.23 17.87 -0.24
C ASP A 306 -30.09 16.60 -0.29
N GLY A 307 -30.41 16.08 0.87
CA GLY A 307 -31.28 14.91 1.00
C GLY A 307 -30.60 13.60 0.67
N PRO A 308 -31.37 12.51 0.66
CA PRO A 308 -30.81 11.17 0.43
C PRO A 308 -30.50 10.90 -1.05
N ILE A 309 -29.49 10.06 -1.29
CA ILE A 309 -29.08 9.70 -2.66
C ILE A 309 -30.26 9.10 -3.45
N SER A 310 -31.14 8.39 -2.76
CA SER A 310 -32.33 7.79 -3.37
C SER A 310 -33.33 8.81 -3.92
N LYS A 311 -33.17 10.07 -3.52
CA LYS A 311 -34.04 11.15 -3.99
C LYS A 311 -33.30 12.22 -4.79
N LEU A 312 -31.99 12.04 -4.98
CA LEU A 312 -31.20 13.05 -5.67
C LEU A 312 -31.58 13.18 -7.14
N ARG A 313 -31.80 12.06 -7.82
CA ARG A 313 -32.16 12.12 -9.25
C ARG A 313 -33.46 12.92 -9.47
N GLU A 314 -34.50 12.64 -8.70
CA GLU A 314 -35.78 13.31 -8.88
C GLU A 314 -35.76 14.77 -8.43
N SER A 315 -35.06 15.05 -7.33
CA SER A 315 -35.00 16.43 -6.83
C SER A 315 -33.97 17.29 -7.57
N ASN A 316 -32.83 16.69 -7.93
CA ASN A 316 -31.77 17.45 -8.60
C ASN A 316 -30.98 16.59 -9.57
N HIS A 317 -31.66 16.16 -10.64
CA HIS A 317 -31.05 15.44 -11.75
C HIS A 317 -29.83 16.15 -12.30
N GLN A 318 -29.91 17.47 -12.46
CA GLN A 318 -28.74 18.25 -12.88
C GLN A 318 -27.50 17.87 -12.06
N ARG A 319 -27.61 17.94 -10.74
CA ARG A 319 -26.47 17.66 -9.87
C ARG A 319 -26.10 16.18 -9.87
N TYR A 320 -27.11 15.33 -9.98
CA TYR A 320 -26.97 13.88 -10.01
C TYR A 320 -26.01 13.46 -11.11
N ILE A 321 -26.21 14.00 -12.31
CA ILE A 321 -25.38 13.66 -13.45
C ILE A 321 -23.99 14.28 -13.30
N SER A 322 -23.92 15.56 -12.93
CA SER A 322 -22.61 16.20 -12.73
C SER A 322 -21.74 15.43 -11.73
N TYR A 323 -22.36 14.95 -10.67
CA TYR A 323 -21.62 14.23 -9.63
C TYR A 323 -21.16 12.86 -10.09
N ASN A 324 -21.96 12.23 -10.95
CA ASN A 324 -21.55 11.00 -11.62
C ASN A 324 -20.29 11.25 -12.46
N ILE A 325 -20.28 12.34 -13.23
CA ILE A 325 -19.10 12.69 -14.04
C ILE A 325 -17.86 12.97 -13.17
N ILE A 326 -18.03 13.80 -12.15
CA ILE A 326 -16.89 14.23 -11.31
C ILE A 326 -16.27 13.05 -10.58
N ALA A 327 -17.12 12.12 -10.14
CA ALA A 327 -16.67 10.91 -9.47
C ALA A 327 -15.72 10.09 -10.35
N VAL A 328 -16.05 9.93 -11.63
CA VAL A 328 -15.16 9.23 -12.54
C VAL A 328 -13.85 10.01 -12.69
N TYR A 329 -13.95 11.33 -12.82
CA TYR A 329 -12.78 12.17 -12.96
C TYR A 329 -11.82 12.11 -11.75
N ARG A 330 -12.38 12.05 -10.54
CA ARG A 330 -11.58 12.03 -9.32
C ARG A 330 -10.64 10.84 -9.27
N VAL A 331 -11.11 9.68 -9.75
CA VAL A 331 -10.22 8.51 -9.83
C VAL A 331 -9.07 8.76 -10.78
N LEU A 332 -9.36 9.37 -11.93
CA LEU A 332 -8.32 9.79 -12.86
C LEU A 332 -7.32 10.77 -12.24
N GLN A 333 -7.81 11.71 -11.43
CA GLN A 333 -6.93 12.67 -10.74
C GLN A 333 -6.05 11.97 -9.70
N ILE A 334 -6.62 11.02 -8.97
CA ILE A 334 -5.83 10.28 -8.02
C ILE A 334 -4.74 9.53 -8.78
N ASP A 335 -5.10 8.92 -9.91
CA ASP A 335 -4.11 8.14 -10.67
C ASP A 335 -3.02 8.99 -11.33
N ALA A 336 -3.38 10.20 -11.75
CA ALA A 336 -2.40 11.16 -12.27
C ALA A 336 -1.33 11.42 -11.21
N LYS A 337 -1.75 11.48 -9.94
CA LYS A 337 -0.82 11.69 -8.84
C LYS A 337 -0.05 10.42 -8.49
N ARG A 338 -0.79 9.33 -8.25
CA ARG A 338 -0.23 8.11 -7.69
C ARG A 338 0.45 7.19 -8.71
N GLN A 339 -0.12 7.13 -9.91
CA GLN A 339 0.45 6.39 -11.05
C GLN A 339 0.48 4.88 -10.79
N PHE A 340 -0.64 4.35 -10.31
CA PHE A 340 -0.79 2.91 -10.03
C PHE A 340 -1.11 2.11 -11.30
N ILE A 341 -1.78 2.74 -12.26
CA ILE A 341 -2.07 2.06 -13.53
C ILE A 341 -0.74 1.86 -14.30
N ASN A 342 0.04 2.92 -14.39
CA ASN A 342 1.41 2.85 -14.91
C ASN A 342 2.26 1.74 -14.28
N LEU A 343 2.22 1.68 -12.94
CA LEU A 343 2.98 0.68 -12.19
C LEU A 343 2.52 -0.73 -12.54
N SER A 344 1.19 -0.89 -12.63
CA SER A 344 0.60 -2.20 -12.92
C SER A 344 1.05 -2.69 -14.28
N LEU A 345 0.99 -1.79 -15.27
CA LEU A 345 1.44 -2.12 -16.63
C LEU A 345 2.93 -2.47 -16.65
N ASP A 346 3.78 -1.65 -16.02
CA ASP A 346 5.21 -1.93 -15.92
C ASP A 346 5.46 -3.33 -15.40
N MET A 347 4.82 -3.62 -14.27
CA MET A 347 5.05 -4.87 -13.55
C MET A 347 4.50 -6.05 -14.33
N GLY A 348 3.29 -5.90 -14.87
CA GLY A 348 2.66 -6.95 -15.67
C GLY A 348 3.51 -7.36 -16.87
N TYR A 349 4.02 -6.38 -17.61
CA TYR A 349 4.78 -6.69 -18.83
C TYR A 349 6.19 -7.18 -18.54
N TYR A 350 6.80 -6.65 -17.48
CA TYR A 350 8.08 -7.15 -16.98
C TYR A 350 8.01 -8.65 -16.68
N ALA A 351 6.95 -9.07 -15.97
CA ALA A 351 6.77 -10.46 -15.56
C ALA A 351 6.24 -11.40 -16.65
N LYS A 352 5.58 -10.83 -17.66
CA LYS A 352 4.81 -11.58 -18.69
C LYS A 352 3.62 -12.34 -18.09
N ILE A 353 2.74 -11.60 -17.43
CA ILE A 353 1.56 -12.15 -16.76
C ILE A 353 0.34 -11.36 -17.21
N GLN A 354 -0.85 -11.89 -16.93
CA GLN A 354 -2.07 -11.12 -17.09
C GLN A 354 -1.91 -9.90 -16.20
N ILE A 355 -2.37 -8.74 -16.66
CA ILE A 355 -2.10 -7.52 -15.88
C ILE A 355 -2.74 -7.59 -14.50
N GLN A 356 -3.90 -8.25 -14.39
CA GLN A 356 -4.56 -8.36 -13.08
C GLN A 356 -3.79 -9.24 -12.10
N SER A 357 -2.81 -9.99 -12.60
CA SER A 357 -1.96 -10.83 -11.74
C SER A 357 -0.94 -10.07 -10.92
N VAL A 358 -0.82 -8.75 -11.13
CA VAL A 358 0.11 -7.96 -10.33
C VAL A 358 -0.33 -7.95 -8.87
N PHE A 359 -1.59 -8.31 -8.61
CA PHE A 359 -2.08 -8.41 -7.24
C PHE A 359 -1.45 -9.59 -6.50
N SER A 360 -0.83 -10.51 -7.25
CA SER A 360 -0.27 -11.73 -6.66
C SER A 360 1.24 -11.78 -6.82
N PRO A 361 1.99 -11.55 -5.73
CA PRO A 361 3.45 -11.64 -5.80
C PRO A 361 3.91 -13.06 -6.17
N ILE A 362 3.15 -14.08 -5.72
CA ILE A 362 3.46 -15.46 -6.09
C ILE A 362 3.35 -15.70 -7.60
N LYS A 363 2.27 -15.23 -8.22
CA LYS A 363 2.12 -15.38 -9.67
C LYS A 363 3.22 -14.60 -10.42
N THR A 364 3.47 -13.37 -9.98
CA THR A 364 4.48 -12.49 -10.57
C THR A 364 5.88 -13.14 -10.54
N TRP A 365 6.34 -13.53 -9.36
CA TRP A 365 7.61 -14.27 -9.25
C TRP A 365 7.67 -15.59 -9.96
N ASP A 366 6.58 -16.37 -9.95
CA ASP A 366 6.57 -17.64 -10.71
C ASP A 366 6.87 -17.39 -12.19
N ALA A 367 6.23 -16.38 -12.74
CA ALA A 367 6.41 -16.03 -14.14
C ALA A 367 7.82 -15.50 -14.41
N ILE A 368 8.31 -14.61 -13.56
CA ILE A 368 9.67 -14.07 -13.75
C ILE A 368 10.72 -15.20 -13.74
N ILE A 369 10.66 -16.05 -12.71
CA ILE A 369 11.62 -17.14 -12.53
C ILE A 369 11.48 -18.17 -13.66
N PHE A 370 10.24 -18.49 -14.04
CA PHE A 370 9.98 -19.36 -15.20
C PHE A 370 10.64 -18.83 -16.47
N ASN A 371 10.42 -17.54 -16.78
CA ASN A 371 11.02 -16.97 -17.96
C ASN A 371 12.54 -16.96 -17.93
N SER A 372 13.09 -16.69 -16.76
CA SER A 372 14.54 -16.67 -16.57
C SER A 372 15.13 -18.07 -16.82
N LEU A 373 14.53 -19.07 -16.20
CA LEU A 373 14.98 -20.47 -16.34
C LEU A 373 14.77 -21.03 -17.75
N LYS A 374 13.66 -20.64 -18.37
CA LYS A 374 13.36 -21.06 -19.75
C LYS A 374 14.43 -20.59 -20.73
N GLU A 375 14.96 -19.38 -20.52
CA GLU A 375 16.06 -18.84 -21.34
C GLU A 375 17.30 -19.73 -21.35
N GLN A 376 17.54 -20.43 -20.25
CA GLN A 376 18.69 -21.33 -20.14
C GLN A 376 18.31 -22.78 -20.46
N ASN A 377 17.15 -22.98 -21.08
CA ASN A 377 16.62 -24.32 -21.36
C ASN A 377 16.46 -25.19 -20.11
N LYS A 378 16.26 -24.56 -18.96
CA LYS A 378 16.04 -25.29 -17.72
C LYS A 378 14.54 -25.52 -17.51
N VAL A 379 14.22 -26.57 -16.78
CA VAL A 379 12.83 -26.97 -16.56
C VAL A 379 12.43 -26.72 -15.10
N ILE A 380 11.33 -25.99 -14.89
CA ILE A 380 10.87 -25.64 -13.55
C ILE A 380 10.24 -26.84 -12.83
N PRO A 381 10.36 -26.89 -11.47
CA PRO A 381 9.84 -28.02 -10.72
C PRO A 381 8.30 -28.00 -10.62
N GLN A 382 7.72 -29.16 -10.35
CA GLN A 382 6.28 -29.24 -10.14
C GLN A 382 5.92 -28.60 -8.80
N GLY A 383 4.83 -27.86 -8.78
CA GLY A 383 4.28 -27.36 -7.51
C GLY A 383 3.85 -28.53 -6.65
N ARG A 384 4.09 -28.41 -5.35
CA ARG A 384 3.75 -29.45 -4.39
C ARG A 384 2.87 -28.93 -3.26
N SER A 385 2.22 -29.87 -2.58
CA SER A 385 1.40 -29.59 -1.42
C SER A 385 2.31 -29.49 -0.18
N HIS A 386 2.11 -28.45 0.64
CA HIS A 386 2.86 -28.32 1.92
C HIS A 386 1.95 -27.95 3.05
N PRO A 387 2.09 -28.62 4.22
CA PRO A 387 1.33 -28.22 5.42
C PRO A 387 1.81 -26.86 5.88
N VAL A 388 0.90 -26.02 6.39
CA VAL A 388 1.30 -24.72 6.93
C VAL A 388 2.10 -24.91 8.22
N GLN A 389 3.22 -24.21 8.31
CA GLN A 389 4.15 -24.37 9.43
C GLN A 389 4.70 -22.99 9.83
N PRO A 390 4.44 -22.56 11.08
CA PRO A 390 5.01 -21.31 11.56
C PRO A 390 6.53 -21.35 11.52
N TYR A 391 7.17 -20.20 11.31
CA TYR A 391 8.64 -20.15 11.32
C TYR A 391 9.17 -18.82 11.87
N PRO A 392 10.42 -18.81 12.36
CA PRO A 392 10.89 -17.59 13.05
C PRO A 392 11.23 -16.44 12.10
N GLY A 393 10.98 -15.22 12.56
CA GLY A 393 11.22 -14.03 11.77
C GLY A 393 12.34 -13.17 12.34
N ALA A 394 12.08 -11.87 12.47
CA ALA A 394 13.13 -10.94 12.83
C ALA A 394 13.33 -10.84 14.33
N PHE A 395 14.43 -10.19 14.72
CA PHE A 395 14.71 -9.82 16.11
C PHE A 395 14.32 -8.37 16.39
N VAL A 396 13.65 -8.16 17.52
CA VAL A 396 13.33 -6.81 18.01
C VAL A 396 13.90 -6.69 19.44
N LYS A 397 14.72 -5.65 19.66
CA LYS A 397 15.32 -5.40 20.98
C LYS A 397 14.28 -4.84 21.93
N GLU A 398 14.30 -5.24 23.21
CA GLU A 398 13.41 -4.64 24.21
C GLU A 398 14.03 -3.33 24.68
N PRO A 399 13.37 -2.18 24.43
CA PRO A 399 14.02 -0.95 24.87
C PRO A 399 13.69 -0.65 26.34
N ILE A 400 14.58 0.04 27.04
CA ILE A 400 14.23 0.60 28.35
C ILE A 400 13.32 1.81 28.12
N PRO A 401 12.10 1.78 28.67
CA PRO A 401 11.22 2.92 28.38
C PRO A 401 11.79 4.19 29.02
N ASN A 402 11.88 5.25 28.23
CA ASN A 402 12.49 6.47 28.74
C ASN A 402 12.37 7.60 27.72
N ARG A 403 12.73 8.80 28.16
CA ARG A 403 13.05 9.87 27.23
C ARG A 403 14.46 9.64 26.68
N TYR A 404 14.68 9.97 25.42
CA TYR A 404 16.01 9.88 24.82
C TYR A 404 16.32 11.17 24.08
N LYS A 405 17.31 11.90 24.57
CA LYS A 405 17.52 13.27 24.16
C LYS A 405 18.08 13.37 22.75
N TYR A 406 19.26 12.77 22.53
CA TYR A 406 19.92 12.79 21.24
C TYR A 406 19.98 11.39 20.66
N VAL A 407 19.41 11.21 19.48
CA VAL A 407 19.37 9.90 18.85
C VAL A 407 19.82 9.98 17.39
N MET A 408 20.65 9.02 16.99
CA MET A 408 20.99 8.78 15.59
C MET A 408 20.64 7.34 15.24
N SER A 409 19.91 7.16 14.15
CA SER A 409 19.53 5.82 13.71
C SER A 409 20.27 5.41 12.43
N PHE A 410 20.38 4.10 12.23
CA PHE A 410 21.07 3.48 11.11
C PHE A 410 20.25 2.29 10.64
N ASP A 411 20.23 2.08 9.33
CA ASP A 411 19.34 1.11 8.75
C ASP A 411 20.05 0.39 7.58
N LEU A 412 19.78 -0.91 7.42
CA LEU A 412 20.39 -1.67 6.32
C LEU A 412 19.58 -1.52 5.06
N THR A 413 20.26 -1.30 3.94
CA THR A 413 19.60 -1.19 2.62
C THR A 413 18.95 -2.52 2.24
N SER A 414 17.67 -2.45 1.91
CA SER A 414 16.93 -3.56 1.32
C SER A 414 17.36 -4.89 1.95
N LEU A 415 17.11 -5.08 3.26
CA LEU A 415 17.82 -6.13 3.98
C LEU A 415 17.58 -7.53 3.44
N TYR A 416 16.31 -7.97 3.38
CA TYR A 416 16.06 -9.37 3.01
C TYR A 416 16.59 -9.75 1.60
N PRO A 417 16.34 -8.89 0.58
CA PRO A 417 16.93 -9.15 -0.75
C PRO A 417 18.47 -9.10 -0.73
N SER A 418 19.05 -8.21 0.09
CA SER A 418 20.50 -8.15 0.23
C SER A 418 21.07 -9.43 0.88
N ILE A 419 20.35 -10.00 1.83
CA ILE A 419 20.75 -11.28 2.42
C ILE A 419 20.72 -12.38 1.35
N ILE A 420 19.64 -12.43 0.58
CA ILE A 420 19.51 -13.39 -0.55
C ILE A 420 20.73 -13.29 -1.48
N ARG A 421 21.10 -12.07 -1.85
CA ARG A 421 22.21 -11.84 -2.77
C ARG A 421 23.56 -12.12 -2.13
N GLN A 422 23.74 -11.67 -0.88
CA GLN A 422 24.99 -11.87 -0.14
C GLN A 422 25.29 -13.35 0.06
N VAL A 423 24.29 -14.08 0.52
CA VAL A 423 24.45 -15.47 0.90
C VAL A 423 24.30 -16.37 -0.34
N ASN A 424 23.60 -15.88 -1.37
CA ASN A 424 23.31 -16.65 -2.61
C ASN A 424 22.23 -17.72 -2.41
N ILE A 425 21.13 -17.29 -1.82
CA ILE A 425 20.02 -18.18 -1.47
C ILE A 425 19.07 -18.37 -2.67
N SER A 426 18.93 -19.63 -3.09
CA SER A 426 18.10 -19.97 -4.24
C SER A 426 17.78 -21.46 -4.12
N PRO A 427 16.69 -21.92 -4.75
CA PRO A 427 16.43 -23.36 -4.65
C PRO A 427 17.58 -24.24 -5.14
N GLU A 428 18.22 -23.83 -6.24
CA GLU A 428 19.25 -24.65 -6.89
C GLU A 428 20.71 -24.34 -6.45
N THR A 429 20.90 -23.51 -5.44
CA THR A 429 22.26 -23.19 -4.97
C THR A 429 22.61 -23.82 -3.62
N ILE A 430 21.68 -24.59 -3.07
CA ILE A 430 21.88 -25.27 -1.79
C ILE A 430 23.01 -26.29 -1.91
N ALA A 431 24.05 -26.08 -1.11
CA ALA A 431 25.24 -26.94 -1.14
C ALA A 431 25.20 -28.03 -0.07
N GLY A 432 24.50 -27.77 1.03
CA GLY A 432 24.39 -28.73 2.13
C GLY A 432 24.10 -28.02 3.43
N THR A 433 24.53 -28.62 4.54
CA THR A 433 24.27 -28.08 5.88
C THR A 433 25.50 -28.14 6.74
N PHE A 434 25.50 -27.40 7.84
CA PHE A 434 26.49 -27.55 8.91
C PHE A 434 25.76 -27.62 10.25
N LYS A 435 26.47 -28.06 11.28
CA LYS A 435 25.91 -28.21 12.61
C LYS A 435 25.82 -26.86 13.33
N VAL A 436 24.62 -26.40 13.63
CA VAL A 436 24.41 -25.05 14.20
C VAL A 436 24.84 -24.92 15.66
N ALA A 437 25.37 -23.76 16.01
CA ALA A 437 25.60 -23.41 17.40
C ALA A 437 24.42 -22.52 17.78
N PRO A 438 24.22 -22.24 19.09
CA PRO A 438 23.21 -21.25 19.45
C PRO A 438 23.48 -19.91 18.74
N LEU A 439 22.43 -19.18 18.39
CA LEU A 439 22.59 -17.92 17.65
C LEU A 439 23.54 -16.96 18.35
N HIS A 440 23.43 -16.89 19.68
CA HIS A 440 24.31 -16.01 20.48
C HIS A 440 25.79 -16.25 20.30
N ASP A 441 26.16 -17.50 20.00
CA ASP A 441 27.56 -17.82 19.74
C ASP A 441 28.09 -17.21 18.43
N TYR A 442 27.22 -17.08 17.43
CA TYR A 442 27.58 -16.43 16.16
C TYR A 442 27.66 -14.92 16.36
N ILE A 443 26.65 -14.37 17.04
CA ILE A 443 26.58 -12.95 17.36
C ILE A 443 27.85 -12.48 18.06
N ASN A 444 28.38 -13.32 18.95
CA ASN A 444 29.55 -12.97 19.73
C ASN A 444 30.86 -13.51 19.16
N ALA A 445 30.76 -14.12 17.98
CA ALA A 445 31.90 -14.62 17.21
C ALA A 445 32.71 -15.67 17.96
N VAL A 446 32.02 -16.56 18.67
CA VAL A 446 32.70 -17.62 19.42
C VAL A 446 32.43 -19.01 18.85
N ALA A 447 31.35 -19.15 18.09
CA ALA A 447 31.09 -20.39 17.36
C ALA A 447 32.16 -20.63 16.31
N GLU A 448 32.42 -21.90 16.02
CA GLU A 448 33.32 -22.30 14.96
C GLU A 448 32.81 -21.75 13.62
N ARG A 449 33.73 -21.31 12.77
CA ARG A 449 33.36 -20.88 11.41
C ARG A 449 32.58 -21.99 10.72
N PRO A 450 31.36 -21.68 10.22
CA PRO A 450 30.53 -22.72 9.62
C PRO A 450 31.18 -23.46 8.45
N SER A 451 31.84 -22.74 7.56
CA SER A 451 32.46 -23.37 6.38
C SER A 451 33.57 -22.50 5.84
N ASP A 452 34.64 -23.12 5.35
CA ASP A 452 35.65 -22.39 4.62
C ASP A 452 35.52 -22.63 3.11
N VAL A 453 34.43 -23.26 2.72
CA VAL A 453 34.17 -23.60 1.31
C VAL A 453 32.88 -22.98 0.76
N TYR A 454 31.81 -23.06 1.55
CA TYR A 454 30.51 -22.58 1.12
C TYR A 454 30.06 -21.31 1.83
N SER A 455 29.03 -20.68 1.27
CA SER A 455 28.48 -19.43 1.78
C SER A 455 27.34 -19.80 2.74
N CYS A 456 27.36 -19.25 3.95
CA CYS A 456 26.49 -19.77 5.03
C CYS A 456 25.52 -18.79 5.71
N SER A 457 24.42 -19.34 6.25
CA SER A 457 23.52 -18.66 7.16
C SER A 457 23.54 -19.36 8.50
N PRO A 458 23.43 -18.60 9.61
CA PRO A 458 23.41 -19.23 10.94
C PRO A 458 22.23 -20.16 11.22
N ASN A 459 21.35 -20.37 10.24
CA ASN A 459 20.32 -21.41 10.39
C ASN A 459 20.83 -22.81 10.02
N GLY A 460 22.08 -22.93 9.60
CA GLY A 460 22.63 -24.25 9.28
C GLY A 460 22.75 -24.56 7.80
N MET A 461 22.36 -23.62 6.95
CA MET A 461 22.38 -23.85 5.50
C MET A 461 23.67 -23.38 4.83
N MET A 462 24.13 -24.17 3.86
CA MET A 462 25.29 -23.78 3.03
C MET A 462 24.88 -23.64 1.58
N TYR A 463 25.45 -22.64 0.89
CA TYR A 463 25.15 -22.42 -0.53
C TYR A 463 26.43 -22.30 -1.36
N TYR A 464 26.35 -22.69 -2.62
CA TYR A 464 27.47 -22.52 -3.55
C TYR A 464 27.80 -21.05 -3.74
N LYS A 465 29.09 -20.74 -3.76
CA LYS A 465 29.56 -19.35 -3.91
C LYS A 465 29.89 -19.03 -5.36
N ASP A 466 30.10 -20.05 -6.17
CA ASP A 466 30.72 -19.88 -7.49
C ASP A 466 29.75 -20.02 -8.65
N ARG A 467 28.45 -20.17 -8.33
CA ARG A 467 27.44 -20.20 -9.38
C ARG A 467 26.25 -19.31 -9.02
N ASP A 468 25.59 -18.79 -10.04
CA ASP A 468 24.47 -17.90 -9.77
C ASP A 468 23.15 -18.64 -9.54
N GLY A 469 22.32 -18.05 -8.70
CA GLY A 469 21.00 -18.58 -8.44
C GLY A 469 20.01 -17.70 -9.16
N VAL A 470 18.94 -18.31 -9.66
CA VAL A 470 17.89 -17.58 -10.35
C VAL A 470 17.23 -16.57 -9.42
N VAL A 471 17.10 -16.93 -8.13
CA VAL A 471 16.49 -16.02 -7.17
C VAL A 471 17.36 -14.78 -6.98
N PRO A 472 18.64 -14.94 -6.57
CA PRO A 472 19.53 -13.76 -6.53
C PRO A 472 19.61 -12.99 -7.86
N THR A 473 19.70 -13.71 -8.98
CA THR A 473 19.83 -13.05 -10.29
C THR A 473 18.64 -12.15 -10.56
N GLU A 474 17.44 -12.69 -10.38
CA GLU A 474 16.24 -11.94 -10.75
C GLU A 474 15.86 -10.88 -9.71
N ILE A 475 16.08 -11.18 -8.43
CA ILE A 475 15.86 -10.20 -7.36
C ILE A 475 16.77 -8.97 -7.50
N THR A 476 18.01 -9.16 -7.96
CA THR A 476 18.97 -8.06 -8.21
C THR A 476 18.50 -7.06 -9.29
N LYS A 477 17.88 -7.59 -10.34
CA LYS A 477 17.39 -6.72 -11.42
C LYS A 477 16.31 -5.76 -10.89
N VAL A 478 15.36 -6.28 -10.13
CA VAL A 478 14.28 -5.45 -9.59
C VAL A 478 14.82 -4.53 -8.50
N PHE A 479 15.75 -5.05 -7.69
CA PHE A 479 16.44 -4.22 -6.73
C PHE A 479 17.09 -2.99 -7.39
N ASN A 480 17.81 -3.20 -8.50
CA ASN A 480 18.50 -2.11 -9.16
C ASN A 480 17.52 -1.06 -9.70
N GLN A 481 16.37 -1.51 -10.20
CA GLN A 481 15.31 -0.57 -10.62
C GLN A 481 14.78 0.23 -9.44
N ARG A 482 14.55 -0.46 -8.33
CA ARG A 482 14.07 0.18 -7.10
C ARG A 482 15.02 1.28 -6.67
N LYS A 483 16.31 0.97 -6.64
CA LYS A 483 17.35 1.91 -6.22
C LYS A 483 17.33 3.19 -7.06
N GLU A 484 17.17 3.02 -8.37
CA GLU A 484 17.12 4.15 -9.30
C GLU A 484 15.99 5.10 -8.91
N HIS A 485 14.79 4.55 -8.75
CA HIS A 485 13.61 5.33 -8.40
C HIS A 485 13.67 5.97 -7.05
N LYS A 486 14.21 5.25 -6.08
CA LYS A 486 14.36 5.81 -4.74
C LYS A 486 15.31 7.01 -4.79
N GLY A 487 16.32 6.97 -5.64
CA GLY A 487 17.21 8.11 -5.83
C GLY A 487 16.44 9.33 -6.33
N TYR A 488 15.54 9.10 -7.31
CA TYR A 488 14.70 10.18 -7.85
C TYR A 488 13.82 10.78 -6.78
N MET A 489 13.22 9.91 -5.97
CA MET A 489 12.31 10.35 -4.90
C MET A 489 13.05 11.21 -3.88
N LEU A 490 14.21 10.73 -3.43
CA LEU A 490 14.99 11.47 -2.43
C LEU A 490 15.49 12.82 -2.97
N ALA A 491 15.96 12.83 -4.21
CA ALA A 491 16.35 14.09 -4.87
C ALA A 491 15.19 15.08 -4.90
N ALA A 492 13.99 14.60 -5.24
CA ALA A 492 12.80 15.47 -5.32
C ALA A 492 12.45 16.02 -3.94
N GLN A 493 12.65 15.19 -2.93
CA GLN A 493 12.41 15.56 -1.55
C GLN A 493 13.40 16.63 -1.08
N ARG A 494 14.69 16.44 -1.42
CA ARG A 494 15.71 17.44 -1.08
C ARG A 494 15.40 18.75 -1.79
N ASN A 495 15.01 18.65 -3.06
CA ASN A 495 14.64 19.81 -3.86
C ASN A 495 13.48 20.58 -3.27
N GLY A 496 12.49 19.85 -2.76
CA GLY A 496 11.35 20.47 -2.04
C GLY A 496 11.78 21.33 -0.86
N GLU A 497 12.74 20.84 -0.07
CA GLU A 497 13.22 21.58 1.09
C GLU A 497 13.96 22.84 0.69
N ILE A 498 14.69 22.77 -0.42
CA ILE A 498 15.33 23.95 -1.00
C ILE A 498 14.29 25.02 -1.35
N ILE A 499 13.15 24.59 -1.89
CA ILE A 499 12.06 25.51 -2.27
C ILE A 499 11.35 26.07 -1.02
N LYS A 500 11.15 25.22 -0.02
CA LYS A 500 10.56 25.65 1.25
C LYS A 500 11.44 26.66 1.99
N GLU A 501 12.75 26.46 1.92
CA GLU A 501 13.68 27.43 2.49
C GLU A 501 13.56 28.77 1.80
N ALA A 502 13.46 28.75 0.47
CA ALA A 502 13.38 29.97 -0.33
C ALA A 502 12.05 30.71 -0.17
N LEU A 503 11.01 29.98 0.22
CA LEU A 503 9.71 30.58 0.51
C LEU A 503 9.71 31.51 1.73
N HIS A 504 10.80 31.52 2.47
CA HIS A 504 10.94 32.42 3.62
C HIS A 504 11.17 33.84 3.17
N ASN A 505 11.71 34.00 1.98
CA ASN A 505 11.90 35.33 1.40
C ASN A 505 11.48 35.36 -0.07
N PRO A 506 10.16 35.30 -0.32
CA PRO A 506 9.70 35.39 -1.71
C PRO A 506 9.99 36.77 -2.30
N ASN A 507 10.16 36.83 -3.61
CA ASN A 507 10.44 38.09 -4.29
C ASN A 507 9.17 38.71 -4.85
N LEU A 508 9.12 40.04 -4.85
CA LEU A 508 7.99 40.76 -5.40
C LEU A 508 8.25 41.00 -6.88
N SER A 509 7.88 40.00 -7.68
CA SER A 509 8.09 40.05 -9.13
C SER A 509 7.04 39.21 -9.84
N VAL A 510 6.90 39.45 -11.14
CA VAL A 510 6.08 38.59 -12.01
C VAL A 510 7.02 37.72 -12.83
N ASP A 511 7.06 36.44 -12.50
CA ASP A 511 7.96 35.47 -13.12
C ASP A 511 7.26 34.13 -13.40
N GLU A 512 8.03 33.14 -13.85
CA GLU A 512 7.48 31.79 -14.09
C GLU A 512 8.26 30.72 -13.32
N PRO A 513 7.63 29.55 -13.08
CA PRO A 513 8.41 28.43 -12.52
C PRO A 513 9.54 28.08 -13.47
N LEU A 514 10.70 27.71 -12.92
CA LEU A 514 11.83 27.28 -13.74
C LEU A 514 11.50 25.92 -14.33
N ASP A 515 11.91 25.68 -15.58
CA ASP A 515 11.71 24.38 -16.21
C ASP A 515 12.84 23.43 -15.84
N VAL A 516 12.60 22.59 -14.84
CA VAL A 516 13.64 21.70 -14.30
C VAL A 516 13.15 20.25 -14.12
N ASP A 517 14.10 19.32 -14.06
CA ASP A 517 13.83 17.93 -13.76
C ASP A 517 14.06 17.72 -12.26
N TYR A 518 12.97 17.52 -11.52
CA TYR A 518 13.00 17.46 -10.05
C TYR A 518 13.61 16.17 -9.50
N ARG A 519 13.90 15.23 -10.39
CA ARG A 519 14.46 13.94 -10.01
C ARG A 519 15.97 14.03 -9.78
N PHE A 520 16.52 15.21 -10.03
CA PHE A 520 17.95 15.44 -9.87
C PHE A 520 18.16 16.67 -9.00
N ASP A 521 19.13 16.58 -8.09
CA ASP A 521 19.42 17.68 -7.17
C ASP A 521 19.68 18.93 -7.98
N PHE A 522 19.05 20.02 -7.58
CA PHE A 522 19.21 21.31 -8.25
C PHE A 522 20.69 21.71 -8.27
N SER A 523 21.13 22.26 -9.40
CA SER A 523 22.47 22.80 -9.53
C SER A 523 22.56 24.10 -8.72
N ASP A 524 23.79 24.58 -8.47
CA ASP A 524 23.99 25.87 -7.82
C ASP A 524 23.28 26.99 -8.56
N GLU A 525 23.33 26.96 -9.89
CA GLU A 525 22.71 27.99 -10.72
C GLU A 525 21.18 28.01 -10.61
N ILE A 526 20.56 26.83 -10.52
CA ILE A 526 19.12 26.76 -10.28
C ILE A 526 18.78 27.32 -8.90
N LYS A 527 19.56 26.94 -7.89
CA LYS A 527 19.40 27.45 -6.53
C LYS A 527 19.51 28.97 -6.49
N GLU A 528 20.39 29.51 -7.32
CA GLU A 528 20.53 30.96 -7.43
C GLU A 528 19.26 31.60 -7.98
N LYS A 529 18.72 31.02 -9.06
CA LYS A 529 17.49 31.51 -9.68
C LYS A 529 16.29 31.41 -8.73
N ILE A 530 16.22 30.31 -8.00
CA ILE A 530 15.13 30.05 -7.05
C ILE A 530 15.03 31.15 -5.99
N LYS A 531 16.19 31.56 -5.47
CA LYS A 531 16.29 32.63 -4.48
C LYS A 531 15.73 33.99 -4.94
N LYS A 532 15.47 34.14 -6.24
CA LYS A 532 14.94 35.40 -6.78
C LYS A 532 13.49 35.29 -7.26
N LEU A 533 12.90 34.11 -7.08
CA LEU A 533 11.51 33.87 -7.52
C LEU A 533 10.44 34.37 -6.55
N SER A 534 9.28 34.69 -7.13
CA SER A 534 8.08 35.05 -6.38
C SER A 534 7.47 33.84 -5.66
N ALA A 535 6.64 34.11 -4.67
CA ALA A 535 5.93 33.08 -3.93
C ALA A 535 5.09 32.20 -4.86
N LYS A 536 4.44 32.84 -5.83
CA LYS A 536 3.58 32.12 -6.79
C LYS A 536 4.37 31.04 -7.54
N SER A 537 5.46 31.45 -8.18
CA SER A 537 6.33 30.51 -8.89
C SER A 537 6.94 29.45 -7.95
N LEU A 538 7.39 29.88 -6.78
CA LEU A 538 7.94 28.97 -5.77
C LEU A 538 6.94 27.90 -5.37
N ASN A 539 5.70 28.32 -5.10
CA ASN A 539 4.62 27.40 -4.74
C ASN A 539 4.29 26.42 -5.85
N GLU A 540 4.28 26.89 -7.10
CA GLU A 540 4.08 25.97 -8.23
CA GLU A 540 4.08 26.02 -8.27
C GLU A 540 5.24 25.01 -8.38
N MET A 541 6.47 25.49 -8.13
CA MET A 541 7.63 24.62 -8.15
C MET A 541 7.54 23.56 -7.04
N LEU A 542 7.09 23.98 -5.86
CA LEU A 542 6.96 23.07 -4.73
C LEU A 542 5.94 21.96 -5.00
N PHE A 543 4.80 22.32 -5.58
CA PHE A 543 3.80 21.33 -6.00
C PHE A 543 4.40 20.31 -6.97
N ARG A 544 5.18 20.79 -7.94
CA ARG A 544 5.80 19.92 -8.93
C ARG A 544 6.88 19.01 -8.33
N ALA A 545 7.67 19.53 -7.41
CA ALA A 545 8.65 18.71 -6.72
C ALA A 545 7.95 17.59 -5.94
N GLN A 546 6.87 17.94 -5.23
CA GLN A 546 6.11 16.98 -4.43
C GLN A 546 5.44 15.90 -5.27
N ARG A 547 4.88 16.31 -6.41
CA ARG A 547 4.34 15.35 -7.37
C ARG A 547 5.42 14.41 -7.91
N THR A 548 6.60 14.96 -8.18
CA THR A 548 7.74 14.14 -8.61
C THR A 548 8.15 13.15 -7.50
N GLU A 549 8.11 13.62 -6.26
CA GLU A 549 8.43 12.78 -5.12
C GLU A 549 7.45 11.63 -4.95
N VAL A 550 6.14 11.94 -5.04
CA VAL A 550 5.08 10.93 -5.00
C VAL A 550 5.27 9.88 -6.11
N ALA A 551 5.56 10.34 -7.34
CA ALA A 551 5.77 9.40 -8.45
C ALA A 551 6.94 8.47 -8.15
N GLY A 552 8.04 9.03 -7.65
CA GLY A 552 9.18 8.23 -7.25
C GLY A 552 8.87 7.25 -6.14
N MET A 553 8.04 7.69 -5.18
CA MET A 553 7.65 6.87 -4.04
C MET A 553 6.86 5.64 -4.53
N THR A 554 5.83 5.88 -5.35
CA THR A 554 5.10 4.77 -5.97
C THR A 554 6.05 3.76 -6.61
N ALA A 555 6.96 4.27 -7.43
CA ALA A 555 7.87 3.42 -8.19
C ALA A 555 8.83 2.60 -7.34
N GLN A 556 9.39 3.21 -6.31
CA GLN A 556 10.38 2.55 -5.48
C GLN A 556 9.74 1.67 -4.40
N ILE A 557 8.69 2.16 -3.74
CA ILE A 557 8.13 1.40 -2.60
C ILE A 557 7.50 0.10 -3.06
N ASN A 558 6.96 0.08 -4.27
CA ASN A 558 6.28 -1.13 -4.71
C ASN A 558 7.19 -2.14 -5.35
N ARG A 559 8.33 -1.64 -5.82
CA ARG A 559 9.42 -2.51 -6.25
C ARG A 559 10.10 -3.11 -5.02
N LYS A 560 10.33 -2.28 -4.00
CA LYS A 560 10.73 -2.80 -2.69
C LYS A 560 9.72 -3.89 -2.21
N ALA A 561 8.43 -3.62 -2.36
CA ALA A 561 7.41 -4.58 -1.91
C ALA A 561 7.51 -5.89 -2.67
N LEU A 562 7.78 -5.80 -3.97
CA LEU A 562 7.94 -6.97 -4.82
C LEU A 562 9.14 -7.83 -4.40
N ILE A 563 10.31 -7.21 -4.23
CA ILE A 563 11.50 -8.01 -3.84
C ILE A 563 11.38 -8.59 -2.43
N ASN A 564 10.84 -7.80 -1.49
CA ASN A 564 10.57 -8.33 -0.16
C ASN A 564 9.55 -9.45 -0.22
N GLY A 565 8.63 -9.33 -1.18
CA GLY A 565 7.62 -10.36 -1.44
C GLY A 565 8.22 -11.70 -1.86
N LEU A 566 9.38 -11.66 -2.50
CA LEU A 566 10.07 -12.89 -2.89
C LEU A 566 10.62 -13.60 -1.65
N ALA A 567 11.22 -12.83 -0.73
CA ALA A 567 11.71 -13.42 0.52
C ALA A 567 10.56 -14.04 1.35
N GLY A 568 9.41 -13.37 1.40
CA GLY A 568 8.22 -13.91 2.07
C GLY A 568 7.61 -15.10 1.32
N ALA A 569 7.66 -15.07 -0.02
CA ALA A 569 7.10 -16.14 -0.85
C ALA A 569 7.74 -17.49 -0.55
N LEU A 570 9.04 -17.45 -0.27
CA LEU A 570 9.77 -18.67 0.13
C LEU A 570 9.15 -19.36 1.34
N GLY A 571 8.32 -18.62 2.07
CA GLY A 571 7.65 -19.14 3.27
C GLY A 571 6.14 -19.25 3.07
N ASN A 572 5.70 -19.24 1.81
CA ASN A 572 4.27 -19.42 1.51
C ASN A 572 4.08 -20.74 0.79
N VAL A 573 3.24 -21.60 1.35
CA VAL A 573 3.08 -22.98 0.88
C VAL A 573 2.58 -23.09 -0.57
N TRP A 574 2.06 -21.99 -1.13
CA TRP A 574 1.58 -22.01 -2.51
C TRP A 574 2.63 -21.65 -3.53
N PHE A 575 3.79 -21.19 -3.06
CA PHE A 575 4.91 -20.85 -3.94
C PHE A 575 5.59 -22.12 -4.44
N ARG A 576 5.80 -22.20 -5.75
CA ARG A 576 6.52 -23.30 -6.38
C ARG A 576 7.86 -23.56 -5.67
N TYR A 577 8.55 -22.50 -5.24
CA TYR A 577 9.86 -22.67 -4.60
C TYR A 577 9.82 -22.49 -3.08
N TYR A 578 8.65 -22.70 -2.49
CA TYR A 578 8.51 -22.77 -1.04
C TYR A 578 9.60 -23.67 -0.44
N ASP A 579 10.31 -23.16 0.56
CA ASP A 579 11.37 -23.92 1.22
C ASP A 579 11.76 -23.19 2.50
N LEU A 580 11.33 -23.74 3.63
CA LEU A 580 11.64 -23.15 4.93
C LEU A 580 13.15 -23.04 5.22
N ARG A 581 13.97 -23.89 4.59
CA ARG A 581 15.41 -23.79 4.72
C ARG A 581 15.91 -22.45 4.18
N ASN A 582 15.34 -22.02 3.06
CA ASN A 582 15.68 -20.73 2.47
C ASN A 582 14.98 -19.55 3.14
N ALA A 583 13.70 -19.71 3.49
CA ALA A 583 12.97 -18.63 4.17
C ALA A 583 13.69 -18.31 5.49
N THR A 584 14.00 -19.37 6.21
CA THR A 584 14.63 -19.32 7.49
C THR A 584 16.13 -18.91 7.43
N ALA A 585 16.82 -19.27 6.34
CA ALA A 585 18.20 -18.82 6.11
C ALA A 585 18.27 -17.29 6.06
N ILE A 586 17.25 -16.68 5.48
CA ILE A 586 17.13 -15.22 5.44
C ILE A 586 16.87 -14.60 6.82
N THR A 587 15.79 -15.01 7.49
CA THR A 587 15.39 -14.35 8.72
C THR A 587 16.44 -14.53 9.85
N THR A 588 17.03 -15.71 9.91
CA THR A 588 18.05 -16.02 10.93
C THR A 588 19.32 -15.20 10.73
N PHE A 589 19.73 -15.08 9.46
CA PHE A 589 20.87 -14.24 9.09
C PHE A 589 20.61 -12.78 9.51
N GLY A 590 19.39 -12.29 9.25
CA GLY A 590 18.97 -10.95 9.69
C GLY A 590 19.07 -10.75 11.21
N GLN A 591 18.60 -11.73 11.97
CA GLN A 591 18.72 -11.69 13.43
C GLN A 591 20.16 -11.58 13.86
N MET A 592 21.04 -12.34 13.21
CA MET A 592 22.46 -12.30 13.53
C MET A 592 23.04 -10.93 13.21
N ALA A 593 22.73 -10.44 12.01
CA ALA A 593 23.29 -9.20 11.47
C ALA A 593 22.99 -8.01 12.38
N LEU A 594 21.73 -7.90 12.80
CA LEU A 594 21.29 -6.86 13.73
C LEU A 594 22.06 -6.92 15.05
N GLN A 595 22.14 -8.12 15.63
CA GLN A 595 22.71 -8.24 16.96
C GLN A 595 24.25 -8.19 16.95
N TRP A 596 24.84 -8.64 15.84
CA TRP A 596 26.27 -8.51 15.58
C TRP A 596 26.65 -7.06 15.55
N ILE A 597 25.89 -6.26 14.79
CA ILE A 597 26.29 -4.88 14.58
C ILE A 597 26.00 -4.01 15.81
N GLU A 598 25.00 -4.42 16.59
CA GLU A 598 24.75 -3.82 17.90
C GLU A 598 26.02 -3.91 18.74
N ARG A 599 26.57 -5.12 18.85
CA ARG A 599 27.83 -5.34 19.57
C ARG A 599 28.97 -4.49 19.02
N LYS A 600 29.13 -4.47 17.71
CA LYS A 600 30.23 -3.74 17.07
C LYS A 600 30.12 -2.23 17.31
N VAL A 601 28.89 -1.71 17.28
CA VAL A 601 28.67 -0.28 17.51
C VAL A 601 28.92 0.09 18.98
N ASN A 602 28.45 -0.75 19.91
CA ASN A 602 28.76 -0.52 21.32
C ASN A 602 30.27 -0.50 21.58
N GLU A 603 30.97 -1.50 21.03
CA GLU A 603 32.42 -1.58 21.14
C GLU A 603 33.08 -0.34 20.57
N TYR A 604 32.70 0.03 19.35
CA TYR A 604 33.33 1.16 18.68
C TYR A 604 33.14 2.47 19.48
N LEU A 605 31.90 2.75 19.90
CA LEU A 605 31.62 4.02 20.57
C LEU A 605 32.24 4.14 21.96
N ASN A 606 32.26 3.03 22.70
CA ASN A 606 33.00 2.99 23.97
C ASN A 606 34.48 3.31 23.76
N GLU A 607 35.06 2.74 22.71
CA GLU A 607 36.45 3.03 22.39
C GLU A 607 36.70 4.51 22.11
N VAL A 608 35.93 5.11 21.20
CA VAL A 608 36.18 6.51 20.82
C VAL A 608 35.79 7.51 21.91
N CYS A 609 34.90 7.10 22.81
CA CYS A 609 34.55 7.93 23.96
C CYS A 609 35.40 7.65 25.19
N GLY A 610 36.32 6.69 25.07
CA GLY A 610 37.28 6.37 26.13
C GLY A 610 36.72 5.62 27.33
N THR A 611 35.53 5.07 27.19
CA THR A 611 34.85 4.35 28.28
C THR A 611 34.76 2.85 27.99
N GLU A 612 34.01 2.13 28.82
CA GLU A 612 33.90 0.68 28.71
C GLU A 612 32.56 0.20 29.23
N GLY A 613 31.91 -0.69 28.47
CA GLY A 613 30.69 -1.32 28.93
C GLY A 613 29.40 -0.52 28.88
N GLU A 614 29.45 0.72 28.37
CA GLU A 614 28.22 1.51 28.29
C GLU A 614 27.38 1.14 27.05
N ALA A 615 26.06 1.24 27.21
CA ALA A 615 25.12 0.82 26.18
C ALA A 615 24.78 2.01 25.30
N PHE A 616 25.30 2.03 24.08
CA PHE A 616 24.95 3.10 23.16
C PHE A 616 23.72 2.77 22.33
N VAL A 617 23.61 1.52 21.89
CA VAL A 617 22.45 1.11 21.11
C VAL A 617 21.29 0.88 22.08
N LEU A 618 20.27 1.73 21.98
CA LEU A 618 19.16 1.71 22.93
C LEU A 618 17.99 0.85 22.42
N TYR A 619 18.00 0.55 21.12
CA TYR A 619 16.86 -0.13 20.47
C TYR A 619 17.26 -0.59 19.08
N GLY A 620 16.56 -1.61 18.58
CA GLY A 620 16.67 -2.02 17.19
C GLY A 620 15.52 -2.93 16.80
N ASP A 621 15.13 -2.89 15.53
CA ASP A 621 14.03 -3.73 15.05
C ASP A 621 14.35 -4.23 13.65
N THR A 622 14.61 -5.53 13.54
CA THR A 622 14.85 -6.24 12.27
C THR A 622 16.19 -5.91 11.60
N ASP A 623 16.41 -4.65 11.23
CA ASP A 623 17.61 -4.24 10.50
C ASP A 623 18.08 -2.81 10.80
N SER A 624 17.59 -2.26 11.90
CA SER A 624 17.86 -0.87 12.24
C SER A 624 18.35 -0.83 13.67
N ILE A 625 19.26 0.10 13.95
CA ILE A 625 19.69 0.38 15.33
C ILE A 625 19.48 1.87 15.66
N TYR A 626 19.14 2.15 16.93
CA TYR A 626 18.98 3.50 17.45
C TYR A 626 20.03 3.71 18.52
N VAL A 627 20.90 4.69 18.29
CA VAL A 627 22.09 4.92 19.10
C VAL A 627 21.85 6.19 19.90
N SER A 628 21.97 6.10 21.21
CA SER A 628 21.92 7.30 22.03
C SER A 628 23.20 8.11 21.78
N ALA A 629 23.03 9.37 21.44
CA ALA A 629 24.17 10.21 21.05
C ALA A 629 24.52 11.23 22.14
N ASP A 630 23.89 11.10 23.30
CA ASP A 630 24.15 11.99 24.43
C ASP A 630 25.63 12.06 24.77
N LYS A 631 26.28 10.92 24.92
CA LYS A 631 27.71 10.91 25.28
C LYS A 631 28.60 11.54 24.19
N ILE A 632 28.19 11.44 22.93
CA ILE A 632 28.91 12.06 21.81
C ILE A 632 28.84 13.59 21.95
N ILE A 633 27.62 14.10 22.18
CA ILE A 633 27.37 15.53 22.36
C ILE A 633 28.08 16.03 23.63
N ASP A 634 28.04 15.23 24.70
CA ASP A 634 28.68 15.61 25.96
C ASP A 634 30.19 15.60 25.85
N LYS A 635 30.74 14.67 25.08
CA LYS A 635 32.19 14.62 24.85
C LYS A 635 32.74 15.96 24.39
N VAL A 636 32.05 16.62 23.47
CA VAL A 636 32.48 17.95 23.04
C VAL A 636 31.90 19.07 23.90
N GLY A 637 30.71 18.83 24.47
CA GLY A 637 30.03 19.82 25.30
C GLY A 637 29.07 20.70 24.51
N GLU A 638 27.82 20.74 24.97
CA GLU A 638 26.76 21.51 24.31
C GLU A 638 27.08 22.97 24.12
N SER A 639 27.83 23.55 25.06
CA SER A 639 28.22 24.96 25.03
C SER A 639 28.86 25.34 23.70
N LYS A 640 29.57 24.40 23.10
CA LYS A 640 30.31 24.66 21.87
C LYS A 640 29.45 24.86 20.60
N PHE A 641 28.19 24.47 20.66
CA PHE A 641 27.32 24.55 19.48
C PHE A 641 26.59 25.88 19.38
N ARG A 642 26.62 26.47 18.19
CA ARG A 642 26.10 27.80 17.93
C ARG A 642 24.57 27.82 17.75
N ASP A 643 24.03 26.75 17.17
CA ASP A 643 22.59 26.60 16.99
C ASP A 643 22.27 25.11 16.79
N THR A 644 20.98 24.79 16.58
CA THR A 644 20.60 23.38 16.34
C THR A 644 21.33 22.80 15.13
N ASN A 645 21.28 23.50 14.01
CA ASN A 645 21.90 23.04 12.77
C ASN A 645 23.38 22.69 12.93
N HIS A 646 24.07 23.38 13.83
CA HIS A 646 25.46 23.08 14.15
C HIS A 646 25.66 21.70 14.73
N TRP A 647 24.88 21.32 15.75
CA TRP A 647 25.08 19.96 16.30
C TRP A 647 24.59 18.90 15.37
N VAL A 648 23.58 19.22 14.55
CA VAL A 648 23.07 18.30 13.52
C VAL A 648 24.17 18.00 12.48
N ASP A 649 24.83 19.05 12.00
CA ASP A 649 25.99 18.91 11.09
C ASP A 649 27.09 18.07 11.74
N PHE A 650 27.31 18.28 13.02
CA PHE A 650 28.34 17.57 13.74
C PHE A 650 28.04 16.09 13.79
N LEU A 651 26.82 15.74 14.19
CA LEU A 651 26.40 14.35 14.25
C LEU A 651 26.36 13.71 12.86
N ASP A 652 25.91 14.46 11.86
CA ASP A 652 25.90 13.96 10.49
C ASP A 652 27.31 13.58 10.06
N LYS A 653 28.27 14.47 10.30
CA LYS A 653 29.67 14.19 9.98
C LYS A 653 30.20 13.00 10.77
N PHE A 654 29.89 12.94 12.06
CA PHE A 654 30.32 11.84 12.92
C PHE A 654 29.84 10.48 12.39
N ALA A 655 28.56 10.41 12.01
CA ALA A 655 27.97 9.17 11.51
C ALA A 655 28.65 8.76 10.22
N ARG A 656 28.79 9.70 9.29
CA ARG A 656 29.33 9.40 7.95
C ARG A 656 30.83 9.09 7.97
N GLU A 657 31.60 9.87 8.73
CA GLU A 657 33.05 9.77 8.68
C GLU A 657 33.65 8.77 9.68
N ARG A 658 32.95 8.50 10.77
CA ARG A 658 33.49 7.66 11.83
C ARG A 658 32.71 6.38 12.03
N MET A 659 31.40 6.49 12.19
CA MET A 659 30.60 5.34 12.51
C MET A 659 30.42 4.41 11.34
N GLU A 660 29.98 4.95 10.21
CA GLU A 660 29.79 4.16 9.01
C GLU A 660 31.02 3.31 8.59
N PRO A 661 32.24 3.90 8.54
CA PRO A 661 33.39 3.01 8.28
C PRO A 661 33.52 1.86 9.28
N ALA A 662 33.22 2.13 10.55
CA ALA A 662 33.33 1.10 11.58
C ALA A 662 32.24 0.06 11.42
N ILE A 663 31.05 0.53 11.03
CA ILE A 663 29.92 -0.36 10.74
C ILE A 663 30.30 -1.26 9.56
N ASP A 664 30.84 -0.63 8.51
CA ASP A 664 31.33 -1.37 7.34
C ASP A 664 32.38 -2.42 7.72
N ARG A 665 33.40 -2.03 8.49
CA ARG A 665 34.40 -3.01 8.94
C ARG A 665 33.77 -4.18 9.72
N GLY A 666 32.79 -3.87 10.55
CA GLY A 666 32.09 -4.88 11.35
C GLY A 666 31.38 -5.90 10.49
N PHE A 667 30.66 -5.42 9.47
CA PHE A 667 29.92 -6.30 8.57
C PHE A 667 30.80 -7.08 7.58
N ARG A 668 31.92 -6.49 7.16
CA ARG A 668 32.85 -7.22 6.30
C ARG A 668 33.44 -8.43 7.02
N GLU A 669 33.69 -8.25 8.32
CA GLU A 669 34.14 -9.34 9.18
C GLU A 669 33.06 -10.43 9.33
N MET A 670 31.80 -10.00 9.44
CA MET A 670 30.68 -10.95 9.51
C MET A 670 30.59 -11.76 8.22
N CYS A 671 30.73 -11.07 7.10
CA CYS A 671 30.74 -11.71 5.77
C CYS A 671 31.84 -12.77 5.64
N GLU A 672 33.05 -12.45 6.11
CA GLU A 672 34.15 -13.44 6.16
C GLU A 672 33.81 -14.62 7.08
N TYR A 673 33.22 -14.32 8.23
CA TYR A 673 32.79 -15.35 9.18
C TYR A 673 31.82 -16.36 8.53
N MET A 674 30.85 -15.86 7.78
CA MET A 674 29.87 -16.71 7.10
C MET A 674 30.36 -17.19 5.72
N ASN A 675 31.54 -16.69 5.32
CA ASN A 675 32.16 -17.03 4.02
C ASN A 675 31.20 -16.76 2.86
N ASN A 676 30.54 -15.60 2.90
CA ASN A 676 29.47 -15.30 1.95
C ASN A 676 30.00 -14.92 0.58
N LYS A 677 29.12 -14.97 -0.40
CA LYS A 677 29.50 -14.73 -1.79
C LYS A 677 29.91 -13.27 -2.02
N GLN A 678 29.16 -12.34 -1.46
CA GLN A 678 29.38 -10.93 -1.72
C GLN A 678 28.96 -10.13 -0.50
N HIS A 679 29.75 -9.14 -0.10
CA HIS A 679 29.37 -8.29 1.02
C HIS A 679 28.37 -7.27 0.57
N LEU A 680 27.15 -7.38 1.10
CA LEU A 680 26.09 -6.43 0.73
C LEU A 680 25.35 -5.82 1.93
N MET A 681 25.88 -6.00 3.13
CA MET A 681 25.27 -5.45 4.33
C MET A 681 25.68 -3.98 4.44
N PHE A 682 24.86 -3.11 3.88
CA PHE A 682 25.18 -1.68 3.81
C PHE A 682 24.24 -0.93 4.75
N MET A 683 24.78 -0.51 5.89
CA MET A 683 23.99 0.17 6.91
C MET A 683 24.39 1.64 7.01
N ASP A 684 23.47 2.49 6.55
CA ASP A 684 23.65 3.93 6.48
C ASP A 684 22.81 4.66 7.52
N ARG A 685 23.27 5.85 7.89
CA ARG A 685 22.57 6.68 8.86
C ARG A 685 21.20 7.06 8.31
N GLU A 686 20.20 7.01 9.19
CA GLU A 686 18.86 7.36 8.79
C GLU A 686 18.48 8.68 9.44
N ALA A 687 18.11 8.66 10.73
CA ALA A 687 17.63 9.88 11.39
C ALA A 687 18.67 10.52 12.29
N ILE A 688 18.67 11.86 12.32
CA ILE A 688 19.33 12.61 13.40
C ILE A 688 18.23 13.31 14.19
N ALA A 689 18.16 13.01 15.49
CA ALA A 689 17.07 13.48 16.35
C ALA A 689 17.55 14.16 17.63
N GLY A 690 16.82 15.20 18.01
CA GLY A 690 17.12 15.92 19.25
C GLY A 690 16.17 17.07 19.44
N PRO A 691 16.19 17.67 20.64
CA PRO A 691 15.38 18.87 20.90
C PRO A 691 16.04 20.10 20.26
N PRO A 692 15.27 21.16 19.98
CA PRO A 692 15.93 22.40 19.57
C PRO A 692 16.91 22.88 20.65
N LEU A 693 18.10 23.29 20.23
CA LEU A 693 19.13 23.79 21.15
C LEU A 693 18.55 24.87 22.06
N GLY A 694 18.80 24.74 23.37
CA GLY A 694 18.36 25.72 24.35
C GLY A 694 16.90 25.64 24.76
N SER A 695 16.18 24.60 24.32
CA SER A 695 14.77 24.43 24.69
C SER A 695 14.65 23.42 25.82
N LYS A 696 13.44 23.22 26.31
CA LYS A 696 13.19 22.18 27.31
C LYS A 696 12.57 20.92 26.68
N GLY A 697 12.64 20.81 25.36
CA GLY A 697 12.14 19.62 24.66
C GLY A 697 12.95 18.40 25.04
N ILE A 698 12.30 17.25 25.07
CA ILE A 698 12.99 16.01 25.46
C ILE A 698 13.63 15.25 24.28
N GLY A 699 13.34 15.69 23.05
CA GLY A 699 13.98 15.08 21.87
C GLY A 699 13.28 13.84 21.35
N GLY A 700 13.14 12.82 22.20
CA GLY A 700 12.44 11.59 21.84
C GLY A 700 12.04 10.76 23.05
N PHE A 701 11.26 9.70 22.82
CA PHE A 701 10.99 8.69 23.86
C PHE A 701 10.59 7.36 23.26
N TRP A 702 10.83 6.29 24.03
CA TRP A 702 10.28 4.93 23.75
C TRP A 702 9.35 4.51 24.85
N THR A 703 8.24 3.89 24.50
CA THR A 703 7.37 3.27 25.51
C THR A 703 7.60 1.76 25.55
N GLY A 704 8.09 1.20 24.45
CA GLY A 704 8.26 -0.25 24.33
C GLY A 704 8.62 -0.58 22.89
N LYS A 705 8.69 -1.88 22.59
CA LYS A 705 8.95 -2.32 21.22
C LYS A 705 7.90 -1.76 20.25
N LYS A 706 8.38 -1.26 19.11
CA LYS A 706 7.55 -0.76 18.00
C LYS A 706 6.71 0.47 18.42
N ARG A 707 7.17 1.18 19.46
CA ARG A 707 6.44 2.34 19.98
C ARG A 707 7.37 3.47 20.43
N TYR A 708 7.53 4.49 19.59
CA TYR A 708 8.45 5.59 19.88
C TYR A 708 8.17 6.85 19.08
N ALA A 709 8.79 7.94 19.50
CA ALA A 709 8.67 9.21 18.80
C ALA A 709 10.00 9.95 18.84
N LEU A 710 10.36 10.59 17.73
CA LEU A 710 11.61 11.34 17.62
C LEU A 710 11.39 12.68 16.93
N ASN A 711 12.08 13.72 17.41
CA ASN A 711 12.08 15.00 16.72
C ASN A 711 13.24 15.04 15.73
N VAL A 712 12.92 14.90 14.43
CA VAL A 712 13.97 14.66 13.43
C VAL A 712 14.37 15.92 12.66
N TRP A 713 15.69 16.14 12.52
CA TRP A 713 16.23 17.27 11.75
C TRP A 713 16.71 16.89 10.38
N ASP A 714 17.13 15.64 10.23
CA ASP A 714 17.70 15.15 8.98
C ASP A 714 17.33 13.68 8.83
N MET A 715 16.77 13.33 7.67
CA MET A 715 16.34 11.96 7.40
C MET A 715 16.94 11.50 6.09
N GLU A 716 17.88 10.56 6.17
CA GLU A 716 18.50 9.95 4.99
C GLU A 716 19.08 11.00 4.04
N GLY A 717 19.67 12.05 4.60
CA GLY A 717 20.28 13.09 3.80
C GLY A 717 19.38 14.27 3.44
N THR A 718 18.11 14.22 3.84
CA THR A 718 17.25 15.40 3.64
C THR A 718 17.27 16.27 4.90
N ARG A 719 17.83 17.47 4.79
CA ARG A 719 17.90 18.41 5.90
C ARG A 719 16.63 19.25 5.87
N TYR A 720 15.78 19.08 6.88
CA TYR A 720 14.47 19.68 6.85
C TYR A 720 14.55 21.17 7.11
N ALA A 721 13.69 21.92 6.42
CA ALA A 721 13.49 23.34 6.69
C ALA A 721 12.92 23.46 8.11
N GLU A 722 12.01 22.56 8.45
CA GLU A 722 11.44 22.51 9.80
C GLU A 722 11.52 21.10 10.38
N PRO A 723 11.89 20.95 11.67
CA PRO A 723 11.98 19.62 12.27
C PRO A 723 10.67 18.84 12.09
N LYS A 724 10.78 17.54 11.91
CA LYS A 724 9.62 16.70 11.60
C LYS A 724 9.52 15.54 12.58
N LEU A 725 8.32 15.26 13.07
CA LEU A 725 8.17 14.16 14.03
C LEU A 725 8.20 12.83 13.31
N LYS A 726 9.05 11.92 13.77
CA LYS A 726 8.97 10.55 13.32
C LYS A 726 8.33 9.75 14.46
N ILE A 727 7.08 9.36 14.25
CA ILE A 727 6.31 8.64 15.25
C ILE A 727 5.95 7.26 14.71
N MET A 728 6.40 6.20 15.36
CA MET A 728 6.08 4.85 14.95
C MET A 728 5.22 4.15 16.00
N GLY A 729 4.11 3.56 15.58
CA GLY A 729 3.33 2.66 16.43
C GLY A 729 2.37 3.29 17.43
N LEU A 730 2.67 4.49 17.90
CA LEU A 730 1.78 5.22 18.84
C LEU A 730 0.40 5.52 18.19
N GLU A 731 -0.61 5.82 19.00
CA GLU A 731 -1.99 5.95 18.51
C GLU A 731 -2.22 6.98 17.41
N THR A 732 -1.33 7.97 17.32
CA THR A 732 -1.35 8.95 16.25
C THR A 732 -1.22 8.30 14.86
N GLN A 733 -0.54 7.15 14.80
CA GLN A 733 -0.31 6.40 13.55
C GLN A 733 -1.39 5.38 13.23
N LYS A 734 -2.35 5.17 14.13
CA LYS A 734 -3.35 4.12 13.96
C LYS A 734 -4.66 4.67 13.42
N SER A 735 -5.17 4.01 12.38
CA SER A 735 -6.42 4.42 11.72
C SER A 735 -7.65 4.23 12.63
N SER A 736 -7.52 3.36 13.62
CA SER A 736 -8.59 3.15 14.61
C SER A 736 -8.75 4.31 15.61
N THR A 737 -7.73 5.17 15.72
CA THR A 737 -7.77 6.32 16.65
C THR A 737 -8.59 7.47 16.05
N PRO A 738 -9.48 8.11 16.86
CA PRO A 738 -10.30 9.18 16.29
C PRO A 738 -9.44 10.29 15.68
N LYS A 739 -9.90 10.85 14.56
CA LYS A 739 -9.15 11.88 13.83
C LYS A 739 -8.69 13.07 14.68
N ALA A 740 -9.59 13.65 15.47
CA ALA A 740 -9.22 14.80 16.31
C ALA A 740 -8.29 14.37 17.46
N VAL A 741 -8.35 13.10 17.83
CA VAL A 741 -7.51 12.60 18.92
C VAL A 741 -6.07 12.36 18.40
N GLN A 742 -5.96 11.88 17.17
CA GLN A 742 -4.66 11.72 16.50
C GLN A 742 -3.97 13.09 16.46
N LYS A 743 -4.73 14.10 16.03
CA LYS A 743 -4.26 15.48 15.96
C LYS A 743 -3.80 15.95 17.34
N ALA A 744 -4.62 15.76 18.36
CA ALA A 744 -4.30 16.23 19.72
C ALA A 744 -3.10 15.53 20.34
N LEU A 745 -3.04 14.22 20.19
CA LEU A 745 -1.91 13.42 20.68
C LEU A 745 -0.60 13.78 19.96
N LYS A 746 -0.68 14.08 18.67
CA LYS A 746 0.51 14.47 17.94
C LYS A 746 1.04 15.83 18.42
N GLU A 747 0.13 16.76 18.68
CA GLU A 747 0.53 18.05 19.22
C GLU A 747 1.09 17.88 20.66
N CYS A 748 0.51 16.97 21.43
CA CYS A 748 1.09 16.63 22.74
C CYS A 748 2.54 16.16 22.61
N ILE A 749 2.78 15.29 21.63
CA ILE A 749 4.12 14.74 21.42
C ILE A 749 5.05 15.85 20.95
N ARG A 750 4.58 16.63 19.96
CA ARG A 750 5.36 17.76 19.45
C ARG A 750 5.84 18.63 20.59
N ARG A 751 4.93 18.98 21.50
CA ARG A 751 5.25 19.81 22.65
C ARG A 751 6.26 19.16 23.58
N MET A 752 6.04 17.88 23.93
CA MET A 752 7.01 17.11 24.70
C MET A 752 8.40 17.15 24.08
N LEU A 753 8.49 16.88 22.78
CA LEU A 753 9.77 16.68 22.14
C LEU A 753 10.50 17.99 21.89
N GLN A 754 9.73 19.06 21.60
CA GLN A 754 10.32 20.33 21.18
C GLN A 754 10.34 21.41 22.26
N GLU A 755 9.39 21.36 23.19
CA GLU A 755 9.14 22.49 24.07
C GLU A 755 9.23 22.15 25.57
N GLY A 756 8.80 20.95 25.96
CA GLY A 756 8.92 20.50 27.35
C GLY A 756 7.61 20.29 28.09
N GLU A 757 7.72 19.94 29.37
CA GLU A 757 6.57 19.55 30.21
C GLU A 757 5.50 20.63 30.37
N GLU A 758 5.92 21.85 30.64
CA GLU A 758 4.98 22.95 30.84
C GLU A 758 4.14 23.18 29.59
N SER A 759 4.77 23.18 28.42
CA SER A 759 4.05 23.36 27.16
C SER A 759 2.97 22.27 27.00
N LEU A 760 3.34 21.04 27.31
CA LEU A 760 2.42 19.89 27.27
C LEU A 760 1.22 20.13 28.17
N GLN A 761 1.49 20.54 29.41
CA GLN A 761 0.44 20.68 30.40
C GLN A 761 -0.56 21.74 29.97
N GLU A 762 -0.05 22.83 29.41
CA GLU A 762 -0.88 23.92 28.91
C GLU A 762 -1.81 23.43 27.77
N TYR A 763 -1.27 22.64 26.85
CA TYR A 763 -2.11 22.12 25.76
C TYR A 763 -3.14 21.11 26.27
N PHE A 764 -2.72 20.22 27.17
CA PHE A 764 -3.63 19.19 27.68
C PHE A 764 -4.83 19.86 28.30
N LYS A 765 -4.57 20.91 29.08
CA LYS A 765 -5.61 21.62 29.80
C LYS A 765 -6.63 22.23 28.83
N GLU A 766 -6.15 22.75 27.71
CA GLU A 766 -7.01 23.33 26.69
C GLU A 766 -7.86 22.27 25.99
N PHE A 767 -7.23 21.15 25.64
CA PHE A 767 -7.91 20.11 24.89
C PHE A 767 -9.04 19.49 25.72
N GLU A 768 -8.75 19.26 27.01
CA GLU A 768 -9.75 18.70 27.94
C GLU A 768 -10.97 19.61 28.09
N LYS A 769 -10.74 20.92 28.15
CA LYS A 769 -11.82 21.90 28.22
C LYS A 769 -12.67 22.01 26.94
N GLU A 770 -12.07 21.71 25.79
CA GLU A 770 -12.77 21.87 24.50
C GLU A 770 -13.28 20.56 23.87
N PHE A 771 -12.83 19.43 24.41
CA PHE A 771 -13.17 18.10 23.88
C PHE A 771 -14.65 17.97 23.52
N ARG A 772 -15.52 18.30 24.47
CA ARG A 772 -16.96 18.14 24.29
C ARG A 772 -17.56 18.92 23.11
N GLN A 773 -16.82 19.88 22.57
CA GLN A 773 -17.28 20.71 21.44
C GLN A 773 -16.84 20.23 20.06
N LEU A 774 -16.06 19.16 20.02
CA LEU A 774 -15.56 18.62 18.76
C LEU A 774 -16.68 17.89 18.03
N ASN A 775 -16.61 17.86 16.70
CA ASN A 775 -17.59 17.14 15.90
C ASN A 775 -17.58 15.63 16.22
N TYR A 776 -18.76 15.03 16.31
CA TYR A 776 -18.85 13.63 16.76
C TYR A 776 -18.05 12.65 15.90
N ILE A 777 -17.96 12.91 14.59
CA ILE A 777 -17.22 12.05 13.68
C ILE A 777 -15.72 12.14 13.95
N SER A 778 -15.25 13.34 14.29
CA SER A 778 -13.84 13.56 14.54
C SER A 778 -13.37 12.85 15.80
N ILE A 779 -14.31 12.51 16.68
CA ILE A 779 -13.95 11.85 17.94
C ILE A 779 -14.43 10.39 18.03
N ALA A 780 -15.01 9.88 16.95
CA ALA A 780 -15.42 8.48 16.90
C ALA A 780 -14.21 7.57 16.60
N SER A 781 -14.18 6.41 17.25
CA SER A 781 -13.15 5.39 17.01
C SER A 781 -13.50 4.68 15.72
N VAL A 782 -12.58 3.91 15.17
CA VAL A 782 -12.80 3.24 13.88
C VAL A 782 -12.36 1.80 14.01
N SER A 783 -13.11 0.87 13.44
CA SER A 783 -12.66 -0.51 13.41
C SER A 783 -13.19 -1.23 12.18
N SER A 784 -12.44 -2.22 11.72
CA SER A 784 -12.92 -3.16 10.70
C SER A 784 -13.88 -4.13 11.37
N ALA A 785 -14.92 -4.51 10.64
CA ALA A 785 -15.94 -5.37 11.21
C ALA A 785 -16.05 -6.71 10.47
N ASN A 786 -15.32 -7.71 10.97
CA ASN A 786 -15.36 -9.07 10.45
C ASN A 786 -16.23 -10.00 11.32
N ASN A 787 -16.82 -11.01 10.69
CA ASN A 787 -17.68 -12.00 11.36
C ASN A 787 -18.82 -11.41 12.19
N ILE A 788 -19.49 -10.41 11.62
CA ILE A 788 -20.64 -9.76 12.26
C ILE A 788 -21.72 -10.79 12.60
N ALA A 789 -22.04 -11.63 11.62
CA ALA A 789 -23.04 -12.69 11.76
C ALA A 789 -22.70 -13.66 12.86
N LYS A 790 -21.42 -14.03 12.97
CA LYS A 790 -20.96 -15.00 13.97
C LYS A 790 -21.43 -14.70 15.39
N TYR A 791 -21.54 -13.41 15.72
CA TYR A 791 -21.87 -12.97 17.06
C TYR A 791 -23.30 -12.44 17.17
N ASP A 792 -24.11 -12.70 16.14
CA ASP A 792 -25.45 -12.13 16.00
C ASP A 792 -26.54 -13.12 16.45
N VAL A 793 -27.01 -12.96 17.69
CA VAL A 793 -28.03 -13.85 18.24
C VAL A 793 -29.36 -13.11 18.36
N GLY A 794 -30.18 -13.24 17.32
CA GLY A 794 -31.46 -12.54 17.23
C GLY A 794 -31.35 -11.04 17.41
N GLY A 795 -30.30 -10.46 16.80
CA GLY A 795 -30.04 -9.03 16.89
C GLY A 795 -29.34 -8.57 18.16
N PHE A 796 -28.84 -9.52 18.94
CA PHE A 796 -28.21 -9.23 20.24
C PHE A 796 -26.86 -9.92 20.34
N PRO A 797 -25.92 -9.35 21.13
CA PRO A 797 -24.54 -9.86 21.17
C PRO A 797 -24.40 -11.25 21.78
N GLY A 798 -23.92 -12.20 20.97
CA GLY A 798 -23.54 -13.53 21.46
C GLY A 798 -22.30 -13.48 22.35
N PRO A 799 -21.86 -14.64 22.88
CA PRO A 799 -20.71 -14.67 23.79
C PRO A 799 -19.40 -14.21 23.14
N LYS A 800 -18.56 -13.53 23.93
CA LYS A 800 -17.26 -12.99 23.48
C LYS A 800 -17.38 -11.94 22.36
N CYS A 801 -18.59 -11.39 22.17
CA CYS A 801 -18.83 -10.42 21.11
C CYS A 801 -17.90 -9.21 21.23
N PRO A 802 -17.10 -8.92 20.18
CA PRO A 802 -16.24 -7.72 20.26
C PRO A 802 -17.06 -6.44 20.38
N PHE A 803 -16.44 -5.43 21.00
CA PHE A 803 -17.05 -4.13 21.27
C PHE A 803 -17.64 -3.47 20.02
N HIS A 804 -16.88 -3.43 18.93
CA HIS A 804 -17.34 -2.81 17.69
C HIS A 804 -18.48 -3.57 17.05
N ILE A 805 -18.42 -4.90 17.10
CA ILE A 805 -19.53 -5.76 16.65
C ILE A 805 -20.78 -5.51 17.49
N ARG A 806 -20.62 -5.37 18.80
CA ARG A 806 -21.75 -4.98 19.66
C ARG A 806 -22.37 -3.66 19.19
N GLY A 807 -21.53 -2.70 18.81
CA GLY A 807 -22.02 -1.42 18.29
C GLY A 807 -22.83 -1.55 17.02
N ILE A 808 -22.39 -2.45 16.13
CA ILE A 808 -23.10 -2.73 14.89
C ILE A 808 -24.49 -3.31 15.15
N LEU A 809 -24.57 -4.25 16.09
CA LEU A 809 -25.83 -4.89 16.44
C LEU A 809 -26.81 -3.88 17.04
N THR A 810 -26.28 -2.97 17.86
CA THR A 810 -27.05 -1.85 18.40
C THR A 810 -27.63 -1.02 17.26
N TYR A 811 -26.77 -0.74 16.27
CA TYR A 811 -27.15 0.02 15.08
C TYR A 811 -28.22 -0.69 14.24
N ASN A 812 -28.01 -1.99 13.97
CA ASN A 812 -28.95 -2.80 13.19
C ASN A 812 -30.35 -2.81 13.78
N ARG A 813 -30.43 -2.86 15.10
CA ARG A 813 -31.71 -2.78 15.81
C ARG A 813 -32.31 -1.38 15.68
N ALA A 814 -31.47 -0.35 15.79
CA ALA A 814 -31.92 1.03 15.69
C ALA A 814 -32.46 1.39 14.30
N ILE A 815 -31.99 0.70 13.27
CA ILE A 815 -32.42 0.98 11.90
C ILE A 815 -33.33 -0.10 11.32
N LYS A 816 -33.79 -1.02 12.17
CA LYS A 816 -34.52 -2.20 11.73
C LYS A 816 -35.86 -1.85 11.10
N GLY A 817 -36.11 -2.43 9.93
CA GLY A 817 -37.35 -2.19 9.18
C GLY A 817 -37.51 -0.78 8.65
N ASN A 818 -36.39 -0.07 8.51
CA ASN A 818 -36.39 1.32 8.06
C ASN A 818 -35.51 1.47 6.83
N ILE A 819 -36.14 1.32 5.66
CA ILE A 819 -35.46 1.01 4.39
C ILE A 819 -34.44 2.05 3.89
N ASP A 820 -34.40 3.22 4.51
CA ASP A 820 -33.58 4.32 4.01
C ASP A 820 -32.18 4.40 4.65
N ALA A 821 -31.90 3.47 5.56
CA ALA A 821 -30.66 3.52 6.34
C ALA A 821 -29.53 2.68 5.74
N PRO A 822 -28.31 3.25 5.68
CA PRO A 822 -27.15 2.54 5.12
C PRO A 822 -26.74 1.32 5.97
N GLN A 823 -26.58 0.18 5.32
CA GLN A 823 -26.23 -1.06 5.99
C GLN A 823 -24.73 -1.17 6.23
N VAL A 824 -24.36 -1.75 7.36
CA VAL A 824 -22.98 -2.14 7.62
C VAL A 824 -22.62 -3.32 6.73
N VAL A 825 -21.51 -3.19 6.01
CA VAL A 825 -21.04 -4.22 5.09
C VAL A 825 -19.92 -5.03 5.73
N GLU A 826 -20.10 -6.35 5.76
CA GLU A 826 -19.13 -7.28 6.35
C GLU A 826 -17.72 -7.00 5.85
N GLY A 827 -16.77 -7.02 6.77
CA GLY A 827 -15.35 -6.75 6.45
C GLY A 827 -14.96 -5.30 6.23
N GLU A 828 -15.94 -4.40 6.15
CA GLU A 828 -15.65 -2.97 5.97
C GLU A 828 -15.46 -2.26 7.32
N LYS A 829 -15.22 -0.95 7.28
CA LYS A 829 -14.90 -0.21 8.50
C LYS A 829 -16.09 0.57 9.05
N VAL A 830 -16.17 0.63 10.39
CA VAL A 830 -17.22 1.36 11.08
C VAL A 830 -16.65 2.43 12.01
N TYR A 831 -17.35 3.57 12.11
CA TYR A 831 -17.19 4.47 13.26
C TYR A 831 -17.78 3.81 14.51
N VAL A 832 -17.19 4.08 15.67
CA VAL A 832 -17.70 3.52 16.94
C VAL A 832 -17.78 4.61 18.02
N LEU A 833 -18.92 4.67 18.72
CA LEU A 833 -19.10 5.57 19.86
C LEU A 833 -19.66 4.85 21.09
N PRO A 834 -19.08 5.10 22.27
CA PRO A 834 -19.66 4.57 23.50
C PRO A 834 -20.91 5.37 23.88
N LEU A 835 -21.88 4.70 24.51
CA LEU A 835 -23.13 5.33 24.92
C LEU A 835 -23.29 5.31 26.44
N ARG A 836 -23.80 6.40 27.00
CA ARG A 836 -24.06 6.46 28.45
C ARG A 836 -25.20 5.51 28.84
N GLU A 837 -25.13 5.03 30.08
CA GLU A 837 -26.10 4.07 30.59
C GLU A 837 -27.53 4.61 30.51
N GLY A 838 -28.46 3.73 30.15
CA GLY A 838 -29.88 4.09 30.12
C GLY A 838 -30.34 4.73 28.83
N ASN A 839 -29.44 4.81 27.85
CA ASN A 839 -29.77 5.32 26.51
C ASN A 839 -30.86 4.49 25.85
N PRO A 840 -31.64 5.12 24.93
CA PRO A 840 -32.75 4.42 24.28
C PRO A 840 -32.30 3.35 23.27
N PHE A 841 -30.99 3.22 23.06
CA PHE A 841 -30.47 2.21 22.14
C PHE A 841 -30.32 0.85 22.83
N GLY A 842 -30.39 0.86 24.15
CA GLY A 842 -30.37 -0.36 24.95
C GLY A 842 -29.02 -1.06 25.05
N ASP A 843 -27.94 -0.32 24.83
CA ASP A 843 -26.60 -0.91 24.94
C ASP A 843 -25.51 0.16 25.08
N LYS A 844 -24.27 -0.30 25.32
CA LYS A 844 -23.17 0.57 25.73
C LYS A 844 -22.37 1.25 24.61
N CYS A 845 -22.67 0.91 23.36
CA CYS A 845 -22.02 1.57 22.22
C CYS A 845 -22.84 1.43 20.95
N ILE A 846 -22.53 2.29 19.98
CA ILE A 846 -23.11 2.21 18.64
C ILE A 846 -22.02 2.35 17.57
N ALA A 847 -22.22 1.64 16.46
CA ALA A 847 -21.30 1.66 15.33
C ALA A 847 -22.06 1.81 14.01
N TRP A 848 -21.47 2.58 13.08
CA TRP A 848 -22.09 2.82 11.77
C TRP A 848 -21.02 2.93 10.70
N PRO A 849 -21.39 2.84 9.40
CA PRO A 849 -20.38 2.84 8.33
C PRO A 849 -19.47 4.07 8.34
N SER A 850 -18.17 3.84 8.32
CA SER A 850 -17.17 4.90 8.41
C SER A 850 -17.19 5.79 7.18
N GLY A 851 -16.74 7.03 7.36
CA GLY A 851 -16.78 8.02 6.31
C GLY A 851 -18.19 8.48 5.99
N THR A 852 -19.16 8.15 6.85
CA THR A 852 -20.53 8.66 6.65
C THR A 852 -21.08 9.32 7.91
N GLU A 853 -21.99 10.28 7.70
CA GLU A 853 -22.81 10.82 8.77
C GLU A 853 -23.79 9.74 9.18
N ILE A 854 -24.03 9.60 10.48
CA ILE A 854 -25.01 8.62 10.94
C ILE A 854 -26.42 9.07 10.53
N THR A 855 -27.25 8.11 10.11
CA THR A 855 -28.59 8.41 9.58
C THR A 855 -29.41 9.40 10.45
N ASP A 856 -30.08 10.35 9.79
CA ASP A 856 -30.75 11.47 10.48
C ASP A 856 -31.71 11.08 11.59
N LEU A 857 -32.35 9.93 11.45
CA LEU A 857 -33.33 9.45 12.43
C LEU A 857 -32.74 9.10 13.78
N ILE A 858 -31.51 8.59 13.80
CA ILE A 858 -30.88 8.22 15.08
C ILE A 858 -29.71 9.14 15.49
N LYS A 859 -29.39 10.09 14.62
CA LYS A 859 -28.27 11.03 14.87
C LYS A 859 -28.47 11.87 16.13
N ASP A 860 -29.68 12.41 16.29
CA ASP A 860 -30.07 13.20 17.46
C ASP A 860 -29.84 12.46 18.78
N ASP A 861 -30.24 11.18 18.83
CA ASP A 861 -30.10 10.34 20.03
C ASP A 861 -28.65 10.01 20.33
N VAL A 862 -27.88 9.70 19.27
CA VAL A 862 -26.45 9.44 19.42
C VAL A 862 -25.74 10.66 20.03
N LEU A 863 -25.95 11.84 19.44
CA LEU A 863 -25.40 13.10 19.97
C LEU A 863 -25.79 13.36 21.42
N HIS A 864 -27.05 13.10 21.77
CA HIS A 864 -27.53 13.29 23.13
C HIS A 864 -26.94 12.28 24.09
N TRP A 865 -26.71 11.06 23.63
CA TRP A 865 -26.27 9.98 24.52
C TRP A 865 -24.81 9.58 24.47
N MET A 866 -24.04 10.18 23.56
CA MET A 866 -22.59 9.95 23.46
C MET A 866 -21.93 10.00 24.83
N ASP A 867 -21.07 9.05 25.14
CA ASP A 867 -20.32 9.13 26.39
C ASP A 867 -18.94 9.79 26.20
N TYR A 868 -18.91 11.12 26.33
CA TYR A 868 -17.68 11.90 26.20
C TYR A 868 -16.60 11.54 27.22
N THR A 869 -16.99 11.28 28.45
CA THR A 869 -16.06 10.94 29.53
C THR A 869 -15.29 9.68 29.19
N VAL A 870 -16.02 8.64 28.77
CA VAL A 870 -15.43 7.36 28.39
C VAL A 870 -14.54 7.52 27.16
N LEU A 871 -15.03 8.29 26.20
CA LEU A 871 -14.33 8.52 24.95
C LEU A 871 -12.98 9.19 25.21
N LEU A 872 -13.00 10.27 25.99
CA LEU A 872 -11.78 11.03 26.30
C LEU A 872 -10.78 10.16 27.05
N GLU A 873 -11.28 9.39 28.02
CA GLU A 873 -10.42 8.52 28.84
C GLU A 873 -9.75 7.39 28.05
N LYS A 874 -10.54 6.71 27.23
CA LYS A 874 -10.08 5.59 26.42
C LYS A 874 -9.15 5.98 25.29
N THR A 875 -9.51 7.01 24.52
CA THR A 875 -8.82 7.28 23.27
C THR A 875 -7.71 8.30 23.45
N PHE A 876 -7.86 9.19 24.42
CA PHE A 876 -6.87 10.27 24.61
C PHE A 876 -6.01 10.14 25.89
N ILE A 877 -6.67 10.12 27.04
CA ILE A 877 -5.97 10.15 28.32
C ILE A 877 -5.11 8.90 28.53
N LYS A 878 -5.69 7.73 28.29
CA LYS A 878 -4.96 6.50 28.48
C LYS A 878 -3.69 6.40 27.59
N PRO A 879 -3.79 6.67 26.26
CA PRO A 879 -2.53 6.68 25.49
C PRO A 879 -1.52 7.74 25.97
N LEU A 880 -2.00 8.95 26.26
CA LEU A 880 -1.11 10.02 26.71
C LEU A 880 -0.40 9.67 28.03
N GLU A 881 -1.11 9.00 28.93
CA GLU A 881 -0.49 8.54 30.18
C GLU A 881 0.64 7.52 29.89
N GLY A 882 0.42 6.66 28.90
CA GLY A 882 1.49 5.79 28.39
C GLY A 882 2.69 6.58 27.92
N PHE A 883 2.47 7.62 27.11
CA PHE A 883 3.60 8.41 26.56
C PHE A 883 4.36 9.10 27.67
N THR A 884 3.63 9.72 28.61
CA THR A 884 4.26 10.58 29.61
C THR A 884 4.93 9.79 30.73
N SER A 885 4.34 8.66 31.13
CA SER A 885 5.02 7.83 32.14
C SER A 885 6.35 7.30 31.60
N ALA A 886 6.35 6.85 30.34
CA ALA A 886 7.59 6.44 29.69
C ALA A 886 8.61 7.58 29.67
N ALA A 887 8.16 8.78 29.28
CA ALA A 887 9.03 9.96 29.15
C ALA A 887 9.41 10.58 30.48
N LYS A 888 8.81 10.07 31.56
CA LYS A 888 9.02 10.55 32.94
C LYS A 888 8.61 12.02 33.07
N LEU A 889 7.38 12.29 32.64
CA LEU A 889 6.83 13.61 32.49
C LEU A 889 5.38 13.51 32.95
N ASP A 890 4.78 14.64 33.33
CA ASP A 890 3.36 14.65 33.72
C ASP A 890 2.60 15.55 32.78
N TYR A 891 1.40 15.11 32.38
CA TYR A 891 0.55 15.91 31.52
C TYR A 891 -0.34 16.86 32.33
N GLU A 892 -0.46 16.56 33.63
CA GLU A 892 -1.11 17.43 34.62
C GLU A 892 -0.15 17.76 35.75
N LYS A 893 -0.12 19.00 36.20
CA LYS A 893 0.71 19.39 37.33
C LYS A 893 0.34 18.59 38.57
N LYS A 894 1.30 17.88 39.16
CA LYS A 894 1.02 17.11 40.37
C LYS A 894 0.96 18.02 41.61
N ALA A 895 0.25 17.58 42.65
CA ALA A 895 0.19 18.31 43.92
C ALA A 895 1.57 18.36 44.57
N SER A 896 1.84 19.45 45.28
CA SER A 896 3.07 19.60 46.04
C SER A 896 2.93 20.65 47.14
N LEU A 897 3.96 20.76 47.97
CA LEU A 897 4.04 21.76 49.04
C LEU A 897 3.80 23.18 48.54
N PHE A 898 4.15 23.43 47.27
CA PHE A 898 3.99 24.76 46.68
C PHE A 898 2.54 25.21 46.55
N ASP A 899 1.62 24.23 46.59
CA ASP A 899 0.19 24.52 46.59
C ASP A 899 -0.30 25.32 47.80
N MET A 900 0.56 25.43 48.81
CA MET A 900 0.22 26.21 50.00
C MET A 900 0.36 27.71 49.78
N PHE A 901 0.98 28.10 48.66
CA PHE A 901 1.25 29.51 48.36
C PHE A 901 0.33 30.08 47.29
N ASP A 902 0.24 31.42 47.21
CA ASP A 902 -0.57 32.09 46.19
C ASP A 902 0.28 32.58 45.01
N PHE A 903 0.34 31.76 43.95
CA PHE A 903 1.09 32.10 42.76
C PHE A 903 0.11 32.49 41.65
N1 DOC C 13 8.38 -4.34 9.27
C2 DOC C 13 7.91 -5.62 8.92
N3 DOC C 13 6.76 -5.75 8.20
C4 DOC C 13 6.04 -4.66 7.82
C5 DOC C 13 6.49 -3.39 8.15
C6 DOC C 13 7.68 -3.25 8.89
O2 DOC C 13 8.58 -6.61 9.27
N4 DOC C 13 4.88 -4.86 7.11
C1' DOC C 13 9.61 -4.28 10.06
C2' DOC C 13 10.87 -4.15 9.22
C3' DOC C 13 11.54 -2.88 9.74
C4' DOC C 13 10.97 -2.85 11.15
O4' DOC C 13 9.59 -3.15 10.95
C5' DOC C 13 11.28 -1.57 11.92
O5' DOC C 13 10.33 -0.59 11.59
P DOC C 13 9.96 0.65 12.55
OP1 DOC C 13 10.90 0.94 13.70
OP2 DOC C 13 9.58 1.75 11.60
O2A QTP D . 13.87 -1.52 6.54
PA QTP D . 12.65 -2.09 5.88
O1A QTP D . 11.33 -1.40 5.89
O3A QTP D . 12.88 -2.17 4.28
PB QTP D . 14.16 -2.66 3.44
O1B QTP D . 13.69 -3.82 2.61
O2B QTP D . 15.41 -2.82 4.26
O3B QTP D . 14.25 -1.38 2.47
PG QTP D . 15.06 0.00 2.71
O3G QTP D . 14.00 0.99 2.32
O2G QTP D . 16.21 -0.12 1.75
O1G QTP D . 15.47 0.10 4.15
O5' QTP D . 12.42 -3.60 6.39
C5' QTP D . 13.50 -4.48 6.61
C4' QTP D . 13.06 -5.89 6.18
C3' QTP D . 12.84 -6.01 4.69
O3' QTP D . 14.05 -6.14 3.91
C2' QTP D . 11.92 -7.21 4.60
C1' QTP D . 11.07 -7.08 5.87
O4' QTP D . 11.79 -6.24 6.76
N9 QTP D . 9.83 -6.36 5.52
C4 QTP D . 8.78 -6.90 4.88
C5 QTP D . 7.81 -5.81 4.72
N7 QTP D . 8.36 -4.71 5.27
C8 QTP D . 9.59 -5.04 5.74
N3 QTP D . 8.49 -8.13 4.41
C2 QTP D . 7.31 -8.38 3.81
C1 QTP D . 6.37 -7.43 3.64
C6 QTP D . 6.53 -6.13 4.06
C7 QTP D . 5.59 -5.17 3.89
CA CA E . 16.13 -1.25 5.80
CA CA F . 14.15 -0.49 8.95
CA CA G . 14.09 35.31 -2.46
CA CA H . 18.87 3.97 3.93
CA CA I . -22.83 7.80 -7.07
#